data_6BUU
#
_entry.id   6BUU
#
_cell.length_a   86.628
_cell.length_b   56.267
_cell.length_c   91.837
_cell.angle_alpha   90.000
_cell.angle_beta   105.100
_cell.angle_gamma   90.000
#
_symmetry.space_group_name_H-M   'P 1 21 1'
#
loop_
_entity.id
_entity.type
_entity.pdbx_description
1 polymer 'RAC-alpha serine/threonine-protein kinase'
2 polymer GLY-ARG-PRO-ARG-THR-THR-ZXW-PHE-ALA-GLU
3 non-polymer 'SULFATE ION'
4 non-polymer 'MANGANESE (II) ION'
5 water water
#
loop_
_entity_poly.entity_id
_entity_poly.type
_entity_poly.pdbx_seq_one_letter_code
_entity_poly.pdbx_strand_id
1 'polypeptide(L)'
;RVTMNEFEYLKLLGKGTFGKVILVKEKATGRYYAMKILKKEVIVAKDEVAHTLTENRVLQNSRHPFLTALKYSFQTHDRL
CFVMEYANGGELFFHLSRERVFSEDRARFYGAEIVSALDYLHSEKNVVYRDLKLENLMLDKDGHIKITDFGLCKEGIKDG
ATMK(TPO)FCGTPEYLAPEVLEDNDYGRAVDWWGLGVVMYEMMCGRLPFYNQDHEKLFELILMEEIRFPRTLGPEAKSL
LSGLLKKDPKQRLGGGSEDAKEIMQHRFFAGIVWQHVYEKKLSPPFKPQVTSETDTRYFDEEFTAQMITITPPDQDDSME
CVDSERRPHFPQF(SEP)YSA(SEP)GTA
;
A,B
2 'polypeptide(L)' GRPRTT(ZXW)FAE F,G
#
loop_
_chem_comp.id
_chem_comp.type
_chem_comp.name
_chem_comp.formula
MN non-polymer 'MANGANESE (II) ION' 'Mn 2'
SO4 non-polymer 'SULFATE ION' 'O4 S -2'
ZXW non-polymer 5'-O-[(S)-{[(R)-{[(R)-[(2-{[(2S)-2-amino-3-oxopropyl]amino}-2-oxoethyl)sulfanyl](hydroxy)phosphoryl]oxy}(hydroxy)phosphoryl]oxy}(hydroxy)phosphoryl]adenosine 'C15 H24 N7 O15 P3 S'
#
# COMPACT_ATOMS: atom_id res chain seq x y z
N ARG A 1 -32.54 -6.22 3.63
CA ARG A 1 -33.08 -5.56 2.40
C ARG A 1 -33.52 -4.13 2.71
N VAL A 2 -32.84 -3.17 2.10
CA VAL A 2 -32.97 -1.76 2.49
C VAL A 2 -34.07 -1.07 1.67
N THR A 3 -34.69 -0.08 2.26
CA THR A 3 -35.77 0.63 1.62
C THR A 3 -35.82 2.07 2.15
N MET A 4 -36.65 2.89 1.51
CA MET A 4 -36.70 4.31 1.77
C MET A 4 -37.17 4.72 3.17
N ASN A 5 -37.90 3.84 3.84
CA ASN A 5 -38.37 4.08 5.22
C ASN A 5 -37.23 3.99 6.27
N GLU A 6 -36.07 3.39 5.93
CA GLU A 6 -34.90 3.41 6.83
C GLU A 6 -34.18 4.76 6.98
N PHE A 7 -34.62 5.79 6.26
CA PHE A 7 -33.94 7.09 6.25
C PHE A 7 -34.87 8.27 6.51
N GLU A 8 -34.35 9.26 7.24
CA GLU A 8 -34.96 10.60 7.27
C GLU A 8 -34.35 11.48 6.17
N TYR A 9 -35.16 12.42 5.67
CA TYR A 9 -34.84 13.19 4.47
C TYR A 9 -34.75 14.68 4.83
N LEU A 10 -33.52 15.15 5.12
CA LEU A 10 -33.28 16.44 5.80
C LEU A 10 -33.11 17.68 4.88
N LYS A 11 -32.39 17.52 3.76
CA LYS A 11 -31.95 18.66 2.92
C LYS A 11 -31.60 18.25 1.48
N LEU A 12 -31.93 19.12 0.53
CA LEU A 12 -31.51 18.93 -0.85
C LEU A 12 -30.07 19.49 -1.05
N LEU A 13 -29.13 18.59 -1.39
CA LEU A 13 -27.73 18.95 -1.64
C LEU A 13 -27.55 19.41 -3.07
N GLY A 14 -28.24 18.78 -3.99
CA GLY A 14 -28.34 19.33 -5.34
C GLY A 14 -29.15 18.47 -6.29
N LYS A 15 -29.45 19.04 -7.45
CA LYS A 15 -30.34 18.46 -8.44
C LYS A 15 -29.65 18.46 -9.82
N GLY A 16 -29.26 17.29 -10.30
CA GLY A 16 -28.82 17.12 -11.71
C GLY A 16 -29.96 16.92 -12.71
N THR A 17 -29.64 16.65 -13.98
CA THR A 17 -30.68 16.49 -15.04
C THR A 17 -31.48 15.16 -15.02
N PHE A 18 -30.98 14.15 -14.31
CA PHE A 18 -31.62 12.84 -14.25
C PHE A 18 -32.02 12.44 -12.83
N GLY A 19 -31.88 13.35 -11.87
CA GLY A 19 -32.25 13.04 -10.49
C GLY A 19 -31.75 14.04 -9.48
N LYS A 20 -31.80 13.66 -8.21
CA LYS A 20 -31.44 14.56 -7.13
C LYS A 20 -30.66 13.85 -6.07
N VAL A 21 -29.95 14.64 -5.27
CA VAL A 21 -29.15 14.13 -4.16
C VAL A 21 -29.64 14.76 -2.87
N ILE A 22 -29.91 13.91 -1.87
CA ILE A 22 -30.56 14.32 -0.63
C ILE A 22 -29.66 13.88 0.51
N LEU A 23 -29.35 14.84 1.39
CA LEU A 23 -28.67 14.54 2.63
C LEU A 23 -29.69 13.80 3.48
N VAL A 24 -29.35 12.57 3.89
CA VAL A 24 -30.26 11.68 4.60
C VAL A 24 -29.61 11.14 5.84
N LYS A 25 -30.44 10.71 6.79
CA LYS A 25 -29.98 10.05 8.01
C LYS A 25 -30.58 8.65 8.02
N GLU A 26 -29.77 7.62 8.25
CA GLU A 26 -30.31 6.26 8.46
C GLU A 26 -30.89 6.16 9.88
N LYS A 27 -32.18 5.85 10.01
CA LYS A 27 -32.84 5.71 11.35
C LYS A 27 -32.10 4.82 12.33
N ALA A 28 -31.93 3.55 11.94
CA ALA A 28 -31.32 2.58 12.83
C ALA A 28 -29.94 2.94 13.39
N THR A 29 -29.11 3.70 12.64
CA THR A 29 -27.69 3.92 13.03
C THR A 29 -27.29 5.35 13.45
N GLY A 30 -28.07 6.35 13.05
CA GLY A 30 -27.73 7.77 13.22
C GLY A 30 -26.75 8.39 12.20
N ARG A 31 -26.41 7.59 11.17
CA ARG A 31 -25.31 7.92 10.22
C ARG A 31 -25.90 8.68 9.05
N TYR A 32 -25.20 9.71 8.65
CA TYR A 32 -25.61 10.52 7.56
C TYR A 32 -25.03 9.97 6.27
N TYR A 33 -25.77 10.16 5.20
CA TYR A 33 -25.38 9.81 3.87
C TYR A 33 -25.95 10.80 2.85
N ALA A 34 -25.50 10.63 1.61
CA ALA A 34 -26.01 11.38 0.48
C ALA A 34 -26.68 10.36 -0.38
N MET A 35 -27.98 10.52 -0.66
CA MET A 35 -28.74 9.52 -1.42
C MET A 35 -29.11 10.08 -2.80
N LYS A 36 -28.62 9.43 -3.85
CA LYS A 36 -28.95 9.79 -5.23
C LYS A 36 -30.25 9.07 -5.57
N ILE A 37 -31.23 9.83 -6.04
CA ILE A 37 -32.55 9.34 -6.34
C ILE A 37 -32.88 9.59 -7.81
N LEU A 38 -33.02 8.49 -8.56
CA LEU A 38 -33.31 8.56 -9.98
C LEU A 38 -34.69 7.96 -10.22
N LYS A 39 -35.58 8.77 -10.81
CA LYS A 39 -36.80 8.24 -11.37
C LYS A 39 -36.41 7.33 -12.52
N LYS A 40 -36.85 6.07 -12.47
CA LYS A 40 -36.59 5.09 -13.51
C LYS A 40 -37.08 5.54 -14.86
N GLU A 41 -38.30 6.08 -14.86
CA GLU A 41 -38.91 6.70 -16.04
C GLU A 41 -37.94 7.66 -16.78
N VAL A 42 -37.33 8.56 -16.02
CA VAL A 42 -36.36 9.54 -16.56
C VAL A 42 -35.15 8.84 -17.09
N ILE A 43 -34.56 7.97 -16.29
CA ILE A 43 -33.41 7.17 -16.72
C ILE A 43 -33.61 6.51 -18.09
N VAL A 44 -34.76 5.85 -18.26
CA VAL A 44 -35.06 5.12 -19.50
C VAL A 44 -35.32 6.07 -20.69
N ALA A 45 -36.12 7.10 -20.47
CA ALA A 45 -36.39 8.08 -21.55
C ALA A 45 -35.08 8.68 -22.11
N LYS A 46 -34.08 8.87 -21.24
CA LYS A 46 -32.89 9.66 -21.60
C LYS A 46 -31.73 8.80 -22.04
N ASP A 47 -31.96 7.50 -22.23
CA ASP A 47 -30.89 6.54 -22.52
C ASP A 47 -29.76 6.64 -21.44
N GLU A 48 -30.16 6.63 -20.17
CA GLU A 48 -29.22 6.91 -19.10
C GLU A 48 -29.03 5.69 -18.19
N VAL A 49 -29.53 4.56 -18.63
CA VAL A 49 -29.54 3.35 -17.81
C VAL A 49 -28.13 2.81 -17.70
N ALA A 50 -27.47 2.75 -18.86
CA ALA A 50 -26.13 2.17 -18.97
C ALA A 50 -25.16 2.88 -18.05
N HIS A 51 -25.23 4.22 -18.05
CA HIS A 51 -24.38 5.02 -17.13
C HIS A 51 -24.65 4.71 -15.68
N THR A 52 -25.93 4.64 -15.33
CA THR A 52 -26.39 4.32 -13.99
C THR A 52 -25.89 2.93 -13.56
N LEU A 53 -26.02 1.94 -14.45
CA LEU A 53 -25.51 0.60 -14.18
C LEU A 53 -23.99 0.57 -14.07
N THR A 54 -23.31 1.37 -14.90
CA THR A 54 -21.87 1.49 -14.84
C THR A 54 -21.49 2.04 -13.47
N GLU A 55 -22.21 3.07 -13.04
CA GLU A 55 -21.96 3.64 -11.74
C GLU A 55 -22.13 2.63 -10.61
N ASN A 56 -23.16 1.81 -10.70
CA ASN A 56 -23.44 0.83 -9.66
C ASN A 56 -22.32 -0.19 -9.59
N ARG A 57 -21.87 -0.71 -10.74
CA ARG A 57 -20.79 -1.74 -10.75
C ARG A 57 -19.45 -1.21 -10.29
N VAL A 58 -19.12 0.01 -10.72
CA VAL A 58 -17.82 0.63 -10.34
C VAL A 58 -17.78 0.93 -8.83
N LEU A 59 -18.90 1.39 -8.30
CA LEU A 59 -18.97 1.70 -6.89
C LEU A 59 -18.89 0.42 -6.05
N GLN A 60 -19.64 -0.61 -6.46
CA GLN A 60 -19.54 -1.94 -5.82
C GLN A 60 -18.14 -2.43 -5.81
N ASN A 61 -17.47 -2.26 -6.93
CA ASN A 61 -16.16 -2.85 -7.12
C ASN A 61 -15.02 -1.88 -6.76
N SER A 62 -15.23 -0.98 -5.79
CA SER A 62 -14.17 -0.03 -5.36
C SER A 62 -14.21 0.33 -3.88
N ARG A 63 -13.05 0.43 -3.27
CA ARG A 63 -12.89 0.89 -1.91
C ARG A 63 -11.52 1.63 -1.82
N HIS A 64 -11.57 2.95 -1.67
CA HIS A 64 -10.37 3.73 -1.55
C HIS A 64 -10.70 4.92 -0.70
N PRO A 65 -9.78 5.35 0.20
CA PRO A 65 -10.09 6.55 1.04
C PRO A 65 -10.52 7.84 0.30
N PHE A 66 -10.24 7.97 -0.99
CA PHE A 66 -10.51 9.18 -1.77
C PHE A 66 -11.52 9.00 -2.89
N LEU A 67 -12.27 7.88 -2.85
CA LEU A 67 -13.36 7.60 -3.73
C LEU A 67 -14.55 7.52 -2.82
N THR A 68 -15.61 8.29 -3.12
CA THR A 68 -16.89 8.12 -2.48
C THR A 68 -17.31 6.65 -2.47
N ALA A 69 -17.62 6.13 -1.29
CA ALA A 69 -18.07 4.73 -1.13
C ALA A 69 -19.58 4.62 -1.28
N LEU A 70 -20.03 3.47 -1.76
CA LEU A 70 -21.44 3.11 -1.76
C LEU A 70 -21.76 2.22 -0.55
N LYS A 71 -22.70 2.65 0.30
CA LYS A 71 -23.25 1.83 1.37
C LYS A 71 -24.34 0.94 0.84
N TYR A 72 -25.38 1.54 0.27
CA TYR A 72 -26.50 0.79 -0.22
C TYR A 72 -26.87 1.25 -1.62
N SER A 73 -27.32 0.33 -2.45
CA SER A 73 -28.18 0.69 -3.54
C SER A 73 -29.36 -0.28 -3.52
N PHE A 74 -30.53 0.25 -3.82
CA PHE A 74 -31.75 -0.55 -3.87
C PHE A 74 -32.73 0.09 -4.83
N GLN A 75 -33.82 -0.61 -5.15
CA GLN A 75 -34.86 -0.01 -5.97
C GLN A 75 -36.22 -0.20 -5.39
N THR A 76 -37.06 0.77 -5.69
CA THR A 76 -38.49 0.71 -5.51
C THR A 76 -39.12 0.48 -6.89
N HIS A 77 -40.43 0.35 -6.91
CA HIS A 77 -41.24 0.24 -8.13
C HIS A 77 -40.86 1.23 -9.22
N ASP A 78 -40.81 2.51 -8.86
CA ASP A 78 -40.59 3.60 -9.82
C ASP A 78 -39.19 4.28 -9.75
N ARG A 79 -38.33 3.89 -8.79
CA ARG A 79 -37.07 4.62 -8.50
C ARG A 79 -35.83 3.79 -8.25
N LEU A 80 -34.66 4.43 -8.45
CA LEU A 80 -33.32 3.90 -8.08
C LEU A 80 -32.64 4.84 -7.09
N CYS A 81 -31.91 4.23 -6.16
CA CYS A 81 -31.36 4.94 -5.01
C CYS A 81 -29.96 4.41 -4.71
N PHE A 82 -28.99 5.32 -4.64
CA PHE A 82 -27.62 5.00 -4.22
C PHE A 82 -27.40 5.76 -2.92
N VAL A 83 -27.01 5.08 -1.87
CA VAL A 83 -26.78 5.71 -0.61
C VAL A 83 -25.27 5.74 -0.45
N MET A 84 -24.70 6.94 -0.54
CA MET A 84 -23.27 7.16 -0.54
C MET A 84 -22.70 7.92 0.66
N GLU A 85 -21.38 7.76 0.85
CA GLU A 85 -20.65 8.59 1.75
C GLU A 85 -20.99 10.02 1.40
N TYR A 86 -21.24 10.79 2.44
CA TYR A 86 -21.65 12.18 2.34
C TYR A 86 -20.39 13.03 2.40
N ALA A 87 -20.12 13.79 1.33
CA ALA A 87 -18.98 14.73 1.31
C ALA A 87 -19.40 16.11 1.86
N ASN A 88 -19.40 16.17 3.17
CA ASN A 88 -19.65 17.36 3.96
C ASN A 88 -19.01 18.68 3.46
N GLY A 89 -17.76 18.60 2.96
CA GLY A 89 -17.00 19.75 2.51
C GLY A 89 -17.38 20.36 1.17
N GLY A 90 -18.39 19.84 0.48
CA GLY A 90 -18.78 20.33 -0.82
C GLY A 90 -17.70 20.06 -1.85
N GLU A 91 -18.03 20.53 -3.06
CA GLU A 91 -17.14 20.53 -4.25
C GLU A 91 -15.95 21.54 -4.18
N LEU A 92 -14.78 21.13 -4.68
CA LEU A 92 -13.70 22.07 -4.89
C LEU A 92 -14.14 23.17 -5.84
N PHE A 93 -15.03 22.88 -6.80
CA PHE A 93 -15.58 23.94 -7.66
C PHE A 93 -16.10 25.12 -6.86
N PHE A 94 -16.90 24.82 -5.85
CA PHE A 94 -17.42 25.81 -4.92
C PHE A 94 -16.27 26.54 -4.25
N HIS A 95 -15.31 25.81 -3.71
CA HIS A 95 -14.15 26.42 -3.02
C HIS A 95 -13.33 27.27 -3.98
N LEU A 96 -13.04 26.78 -5.17
CA LEU A 96 -12.22 27.60 -6.11
C LEU A 96 -13.08 28.70 -6.74
N SER A 97 -14.38 28.73 -6.50
CA SER A 97 -15.18 29.82 -7.06
C SER A 97 -15.21 30.99 -6.11
N ARG A 98 -14.73 30.77 -4.89
CA ARG A 98 -14.78 31.81 -3.83
C ARG A 98 -13.36 32.32 -3.54
N GLU A 99 -12.38 31.43 -3.69
CA GLU A 99 -10.95 31.81 -3.60
C GLU A 99 -10.47 32.01 -5.03
N ARG A 100 -9.58 32.87 -5.35
CA ARG A 100 -9.33 32.92 -6.82
C ARG A 100 -8.44 31.72 -7.19
N VAL A 101 -7.55 31.37 -6.28
CA VAL A 101 -6.53 30.36 -6.59
C VAL A 101 -6.07 29.70 -5.29
N PHE A 102 -5.51 28.52 -5.38
CA PHE A 102 -4.91 27.90 -4.19
C PHE A 102 -3.40 28.00 -4.35
N SER A 103 -2.68 27.86 -3.23
CA SER A 103 -1.23 27.81 -3.16
C SER A 103 -0.79 26.51 -3.82
N GLU A 104 0.43 26.54 -4.30
CA GLU A 104 1.14 25.32 -4.73
C GLU A 104 1.06 24.16 -3.77
N ASP A 105 1.27 24.41 -2.49
CA ASP A 105 1.26 23.33 -1.45
C ASP A 105 -0.11 22.73 -1.29
N ARG A 106 -1.14 23.56 -1.45
CA ARG A 106 -2.55 23.11 -1.33
C ARG A 106 -2.91 22.20 -2.50
N ALA A 107 -2.59 22.63 -3.71
CA ALA A 107 -2.76 21.84 -4.91
C ALA A 107 -1.96 20.56 -4.88
N ARG A 108 -0.66 20.57 -4.50
CA ARG A 108 0.13 19.38 -4.15
C ARG A 108 -0.67 18.44 -3.26
N PHE A 109 -1.25 18.81 -2.23
CA PHE A 109 -2.02 17.93 -1.35
C PHE A 109 -3.18 17.28 -2.12
N TYR A 110 -4.06 18.09 -2.74
CA TYR A 110 -5.21 17.54 -3.46
C TYR A 110 -4.72 16.70 -4.62
N GLY A 111 -3.65 17.15 -5.27
CA GLY A 111 -3.03 16.40 -6.34
C GLY A 111 -2.57 15.02 -5.93
N ALA A 112 -1.89 14.93 -4.79
CA ALA A 112 -1.44 13.65 -4.24
C ALA A 112 -2.58 12.68 -4.05
N GLU A 113 -3.68 13.16 -3.47
CA GLU A 113 -4.81 12.31 -3.21
C GLU A 113 -5.53 11.84 -4.44
N ILE A 114 -5.69 12.73 -5.42
CA ILE A 114 -6.33 12.35 -6.66
C ILE A 114 -5.46 11.31 -7.40
N VAL A 115 -4.15 11.46 -7.32
CA VAL A 115 -3.23 10.49 -7.95
C VAL A 115 -3.38 9.14 -7.32
N SER A 116 -3.43 9.10 -5.98
CA SER A 116 -3.64 7.86 -5.23
C SER A 116 -4.91 7.13 -5.68
N ALA A 117 -6.01 7.85 -5.82
CA ALA A 117 -7.25 7.23 -6.25
C ALA A 117 -7.26 6.83 -7.73
N LEU A 118 -6.64 7.62 -8.60
CA LEU A 118 -6.66 7.28 -10.03
C LEU A 118 -5.74 6.08 -10.32
N ASP A 119 -4.61 6.09 -9.66
CA ASP A 119 -3.71 4.96 -9.63
C ASP A 119 -4.44 3.65 -9.28
N TYR A 120 -5.17 3.67 -8.19
CA TYR A 120 -5.93 2.49 -7.76
C TYR A 120 -6.96 2.11 -8.79
N LEU A 121 -7.76 3.09 -9.29
CA LEU A 121 -8.71 2.77 -10.40
C LEU A 121 -8.00 2.16 -11.59
N HIS A 122 -6.89 2.73 -12.01
CA HIS A 122 -6.19 2.21 -13.21
C HIS A 122 -5.55 0.83 -12.98
N SER A 123 -4.67 0.71 -12.00
CA SER A 123 -3.84 -0.47 -11.83
C SER A 123 -4.52 -1.63 -11.05
N GLU A 124 -5.34 -1.32 -10.04
CA GLU A 124 -6.10 -2.34 -9.29
C GLU A 124 -7.47 -2.75 -9.90
N LYS A 125 -8.16 -1.81 -10.54
CA LYS A 125 -9.50 -2.04 -11.06
C LYS A 125 -9.68 -2.02 -12.58
N ASN A 126 -8.65 -1.58 -13.28
CA ASN A 126 -8.70 -1.29 -14.71
C ASN A 126 -9.90 -0.41 -15.08
N VAL A 127 -10.13 0.62 -14.28
CA VAL A 127 -11.18 1.59 -14.57
C VAL A 127 -10.51 2.85 -15.03
N VAL A 128 -11.04 3.44 -16.10
CA VAL A 128 -10.70 4.81 -16.59
C VAL A 128 -11.89 5.68 -16.22
N TYR A 129 -11.64 6.74 -15.48
CA TYR A 129 -12.67 7.56 -14.86
C TYR A 129 -13.34 8.52 -15.90
N ARG A 130 -12.48 9.13 -16.73
CA ARG A 130 -12.88 9.97 -17.86
C ARG A 130 -13.60 11.29 -17.60
N ASP A 131 -14.05 11.57 -16.37
CA ASP A 131 -14.75 12.88 -16.14
C ASP A 131 -14.18 13.64 -14.96
N LEU A 132 -12.88 13.59 -14.76
CA LEU A 132 -12.24 14.44 -13.72
C LEU A 132 -12.47 15.98 -13.97
N LYS A 133 -12.96 16.69 -12.94
CA LYS A 133 -13.25 18.13 -12.94
C LYS A 133 -13.49 18.60 -11.49
N LEU A 134 -13.56 19.91 -11.29
CA LEU A 134 -13.67 20.44 -9.91
C LEU A 134 -15.01 20.04 -9.29
N GLU A 135 -16.06 19.95 -10.11
CA GLU A 135 -17.38 19.60 -9.66
C GLU A 135 -17.45 18.19 -9.10
N ASN A 136 -16.67 17.26 -9.61
CA ASN A 136 -16.59 15.90 -9.14
C ASN A 136 -15.54 15.64 -8.08
N LEU A 137 -14.75 16.64 -7.72
CA LEU A 137 -13.83 16.51 -6.60
C LEU A 137 -14.40 17.21 -5.36
N MET A 138 -14.84 16.41 -4.41
CA MET A 138 -15.55 16.89 -3.26
C MET A 138 -14.63 16.69 -2.11
N LEU A 139 -14.88 17.43 -1.03
CA LEU A 139 -14.15 17.25 0.20
C LEU A 139 -15.01 16.60 1.28
N ASP A 140 -14.34 15.81 2.10
CA ASP A 140 -14.96 15.29 3.28
C ASP A 140 -14.76 16.30 4.43
N LYS A 141 -15.47 16.06 5.53
CA LYS A 141 -15.41 16.92 6.71
C LYS A 141 -14.02 17.29 7.21
N ASP A 142 -13.04 16.42 6.98
CA ASP A 142 -11.66 16.68 7.38
C ASP A 142 -10.85 17.39 6.31
N GLY A 143 -11.38 17.44 5.10
CA GLY A 143 -10.73 18.18 4.01
C GLY A 143 -9.92 17.36 3.02
N HIS A 144 -10.08 16.05 3.03
CA HIS A 144 -9.50 15.15 2.07
C HIS A 144 -10.44 15.01 0.85
N ILE A 145 -9.84 14.65 -0.31
CA ILE A 145 -10.57 14.55 -1.57
C ILE A 145 -11.49 13.31 -1.52
N LYS A 146 -12.69 13.48 -2.06
CA LYS A 146 -13.60 12.39 -2.37
C LYS A 146 -14.06 12.61 -3.81
N ILE A 147 -13.66 11.71 -4.69
CA ILE A 147 -14.15 11.71 -6.07
C ILE A 147 -15.56 11.05 -6.11
N THR A 148 -16.49 11.70 -6.79
CA THR A 148 -17.88 11.24 -6.94
C THR A 148 -18.24 11.28 -8.43
N ASP A 149 -19.35 10.65 -8.80
CA ASP A 149 -19.79 10.37 -10.18
C ASP A 149 -18.86 9.43 -10.92
N PHE A 150 -19.30 8.17 -11.02
CA PHE A 150 -18.64 7.14 -11.80
C PHE A 150 -19.42 6.65 -13.01
N GLY A 151 -20.52 7.33 -13.34
CA GLY A 151 -21.33 6.93 -14.47
C GLY A 151 -20.65 6.98 -15.82
N LEU A 152 -19.59 7.77 -15.98
CA LEU A 152 -18.79 7.80 -17.23
C LEU A 152 -17.53 6.95 -17.22
N CYS A 153 -17.29 6.18 -16.18
CA CYS A 153 -16.13 5.30 -16.18
C CYS A 153 -16.20 4.30 -17.29
N LYS A 154 -15.04 3.92 -17.81
CA LYS A 154 -14.95 2.72 -18.61
C LYS A 154 -14.36 1.58 -17.75
N GLU A 155 -15.05 0.44 -17.69
CA GLU A 155 -14.52 -0.77 -17.04
C GLU A 155 -13.75 -1.61 -18.04
N GLY A 156 -12.77 -2.36 -17.55
CA GLY A 156 -12.05 -3.34 -18.37
C GLY A 156 -10.86 -2.91 -19.18
N ILE A 157 -10.24 -1.77 -18.86
CA ILE A 157 -9.16 -1.19 -19.67
C ILE A 157 -7.81 -1.48 -19.04
N LYS A 158 -6.97 -2.18 -19.79
CA LYS A 158 -5.70 -2.74 -19.30
C LYS A 158 -4.60 -2.33 -20.28
N ASP A 159 -3.50 -1.82 -19.74
CA ASP A 159 -2.36 -1.37 -20.56
C ASP A 159 -2.86 -0.27 -21.50
N GLY A 160 -2.44 -0.31 -22.76
CA GLY A 160 -2.80 0.69 -23.73
C GLY A 160 -4.02 0.28 -24.53
N ALA A 161 -4.91 -0.52 -23.95
CA ALA A 161 -6.20 -0.75 -24.57
C ALA A 161 -6.94 0.60 -24.78
N THR A 162 -7.54 0.74 -25.96
CA THR A 162 -8.21 1.94 -26.41
C THR A 162 -9.74 1.89 -26.18
N MET A 163 -10.28 3.11 -26.17
CA MET A 163 -11.70 3.47 -26.01
C MET A 163 -12.09 4.38 -27.18
N LYS A 164 -13.37 4.45 -27.44
CA LYS A 164 -13.96 5.16 -28.58
C LYS A 164 -15.07 6.18 -28.26
N TPO A 165 -15.65 6.16 -27.07
CA TPO A 165 -16.89 6.88 -26.82
CB TPO A 165 -17.60 6.10 -25.69
CG2 TPO A 165 -18.98 6.63 -25.51
OG1 TPO A 165 -17.65 4.65 -25.91
P TPO A 165 -16.70 3.65 -24.94
O1P TPO A 165 -17.76 3.36 -23.84
O2P TPO A 165 -15.58 4.55 -24.47
O3P TPO A 165 -15.68 2.56 -25.43
C TPO A 165 -16.56 8.33 -26.52
O TPO A 165 -15.70 8.63 -25.68
N PHE A 166 -17.23 9.26 -27.22
CA PHE A 166 -17.06 10.70 -27.03
C PHE A 166 -17.90 11.11 -25.87
N CYS A 167 -17.23 11.42 -24.78
CA CYS A 167 -17.89 11.73 -23.55
C CYS A 167 -16.93 12.45 -22.62
N GLY A 168 -17.51 13.16 -21.66
CA GLY A 168 -16.79 13.84 -20.62
C GLY A 168 -17.43 15.16 -20.36
N THR A 169 -16.59 16.11 -20.00
CA THR A 169 -17.01 17.52 -19.90
C THR A 169 -16.20 18.40 -20.84
N PRO A 170 -16.85 19.22 -21.64
CA PRO A 170 -16.13 19.82 -22.77
C PRO A 170 -14.86 20.52 -22.46
N GLU A 171 -14.89 21.28 -21.39
CA GLU A 171 -13.74 22.06 -20.98
C GLU A 171 -12.59 21.15 -20.56
N TYR A 172 -12.90 19.91 -20.23
CA TYR A 172 -11.90 19.05 -19.67
C TYR A 172 -11.39 18.00 -20.64
N LEU A 173 -11.95 17.97 -21.84
CA LEU A 173 -11.62 16.94 -22.78
C LEU A 173 -10.21 17.00 -23.27
N ALA A 174 -9.56 15.84 -23.27
CA ALA A 174 -8.22 15.70 -23.77
C ALA A 174 -8.13 15.81 -25.30
N PRO A 175 -7.03 16.36 -25.81
CA PRO A 175 -6.92 16.41 -27.28
C PRO A 175 -7.21 15.12 -27.98
N GLU A 176 -6.78 13.98 -27.45
CA GLU A 176 -7.02 12.75 -28.24
C GLU A 176 -8.51 12.32 -28.22
N VAL A 177 -9.31 12.76 -27.24
CA VAL A 177 -10.75 12.55 -27.29
C VAL A 177 -11.35 13.52 -28.31
N LEU A 178 -10.90 14.78 -28.34
CA LEU A 178 -11.44 15.64 -29.40
C LEU A 178 -11.00 15.20 -30.83
N GLU A 179 -9.82 14.56 -30.99
CA GLU A 179 -9.39 14.06 -32.35
C GLU A 179 -10.33 12.94 -32.91
N ASP A 180 -11.09 12.30 -32.03
CA ASP A 180 -11.99 11.18 -32.28
C ASP A 180 -11.30 9.94 -32.87
N ASN A 181 -10.10 9.61 -32.42
N ASN A 181 -10.12 9.62 -32.33
CA ASN A 181 -9.29 8.59 -33.12
CA ASN A 181 -9.10 8.77 -32.99
C ASN A 181 -8.64 7.63 -32.11
C ASN A 181 -8.75 7.47 -32.26
N ASP A 182 -9.45 7.17 -31.16
CA ASP A 182 -9.05 6.13 -30.16
C ASP A 182 -8.27 6.82 -29.03
N TYR A 183 -8.62 6.49 -27.80
CA TYR A 183 -7.93 7.02 -26.64
C TYR A 183 -7.67 6.01 -25.56
N GLY A 184 -6.68 6.29 -24.73
CA GLY A 184 -6.31 5.39 -23.63
C GLY A 184 -6.55 5.99 -22.26
N ARG A 185 -5.98 5.36 -21.24
CA ARG A 185 -6.11 5.73 -19.82
C ARG A 185 -5.39 7.04 -19.47
N ALA A 186 -4.54 7.57 -20.35
CA ALA A 186 -3.83 8.85 -20.19
C ALA A 186 -4.79 10.06 -20.28
N VAL A 187 -6.03 9.90 -20.71
CA VAL A 187 -7.06 10.98 -20.67
C VAL A 187 -7.25 11.46 -19.22
N ASP A 188 -7.18 10.56 -18.24
CA ASP A 188 -7.31 10.90 -16.81
C ASP A 188 -6.16 11.80 -16.35
N TRP A 189 -4.97 11.65 -16.92
CA TRP A 189 -3.82 12.51 -16.54
C TRP A 189 -3.98 13.88 -17.17
N TRP A 190 -4.56 13.92 -18.35
CA TRP A 190 -4.87 15.21 -18.98
C TRP A 190 -5.83 15.98 -18.07
N GLY A 191 -6.85 15.32 -17.50
CA GLY A 191 -7.85 15.91 -16.58
C GLY A 191 -7.14 16.35 -15.31
N LEU A 192 -6.21 15.54 -14.83
CA LEU A 192 -5.49 15.90 -13.60
C LEU A 192 -4.71 17.20 -13.83
N GLY A 193 -4.15 17.33 -15.03
CA GLY A 193 -3.42 18.54 -15.44
C GLY A 193 -4.35 19.73 -15.52
N VAL A 194 -5.58 19.50 -15.93
CA VAL A 194 -6.54 20.62 -16.07
C VAL A 194 -6.98 21.04 -14.66
N VAL A 195 -7.37 20.11 -13.82
CA VAL A 195 -7.75 20.51 -12.49
C VAL A 195 -6.61 21.19 -11.72
N MET A 196 -5.39 20.64 -11.78
CA MET A 196 -4.28 21.25 -11.06
C MET A 196 -3.94 22.61 -11.64
N TYR A 197 -4.04 22.78 -12.94
CA TYR A 197 -3.84 24.11 -13.56
C TYR A 197 -4.87 25.07 -12.98
N GLU A 198 -6.13 24.68 -12.89
CA GLU A 198 -7.18 25.52 -12.31
C GLU A 198 -6.87 25.83 -10.84
N MET A 199 -6.39 24.86 -10.07
CA MET A 199 -6.07 25.13 -8.68
C MET A 199 -4.97 26.20 -8.56
N MET A 200 -3.89 26.08 -9.32
CA MET A 200 -2.75 26.95 -9.12
C MET A 200 -2.81 28.25 -9.96
N CYS A 201 -3.44 28.22 -11.12
CA CYS A 201 -3.48 29.38 -12.00
C CYS A 201 -4.73 30.18 -11.91
N GLY A 202 -5.83 29.59 -11.46
CA GLY A 202 -7.04 30.34 -11.24
C GLY A 202 -8.02 30.35 -12.35
N ARG A 203 -7.69 29.60 -13.37
CA ARG A 203 -8.57 29.53 -14.55
C ARG A 203 -8.25 28.24 -15.31
N LEU A 204 -9.11 27.90 -16.26
CA LEU A 204 -8.86 26.74 -17.14
C LEU A 204 -7.67 27.07 -18.03
N PRO A 205 -6.88 26.09 -18.49
CA PRO A 205 -5.78 26.38 -19.39
C PRO A 205 -6.26 26.83 -20.78
N PHE A 206 -7.45 26.42 -21.19
CA PHE A 206 -8.06 26.78 -22.48
C PHE A 206 -9.53 27.15 -22.21
N TYR A 207 -9.96 28.34 -22.61
CA TYR A 207 -11.37 28.71 -22.45
C TYR A 207 -11.91 29.46 -23.67
N ASN A 208 -13.09 29.05 -24.07
CA ASN A 208 -13.95 29.86 -24.89
C ASN A 208 -15.36 29.39 -24.56
N GLN A 209 -16.31 30.31 -24.54
CA GLN A 209 -17.70 30.01 -24.33
C GLN A 209 -18.26 29.03 -25.33
N ASP A 210 -17.73 29.07 -26.55
CA ASP A 210 -18.24 28.26 -27.60
C ASP A 210 -17.43 26.99 -27.62
N HIS A 211 -18.11 25.86 -27.65
CA HIS A 211 -17.38 24.59 -27.63
C HIS A 211 -16.45 24.34 -28.78
N GLU A 212 -16.91 24.65 -29.97
CA GLU A 212 -16.11 24.34 -31.17
C GLU A 212 -14.82 25.20 -31.13
N LYS A 213 -14.94 26.46 -30.77
CA LYS A 213 -13.74 27.30 -30.52
C LYS A 213 -12.88 26.84 -29.29
N LEU A 214 -13.53 26.44 -28.20
CA LEU A 214 -12.81 25.81 -27.08
C LEU A 214 -11.96 24.63 -27.53
N PHE A 215 -12.53 23.78 -28.37
CA PHE A 215 -11.91 22.53 -28.74
C PHE A 215 -10.73 22.82 -29.63
N GLU A 216 -10.88 23.87 -30.45
N GLU A 216 -10.82 23.87 -30.44
CA GLU A 216 -9.82 24.35 -31.32
CA GLU A 216 -9.72 24.24 -31.32
C GLU A 216 -8.63 24.79 -30.50
C GLU A 216 -8.58 24.83 -30.52
N LEU A 217 -8.88 25.53 -29.42
CA LEU A 217 -7.81 26.00 -28.46
C LEU A 217 -7.16 24.78 -27.84
N ILE A 218 -7.97 23.82 -27.41
CA ILE A 218 -7.43 22.62 -26.81
C ILE A 218 -6.53 21.84 -27.77
N LEU A 219 -6.91 21.79 -29.04
CA LEU A 219 -6.12 21.01 -29.99
C LEU A 219 -4.87 21.75 -30.51
N MET A 220 -4.95 23.09 -30.58
CA MET A 220 -3.98 23.89 -31.34
C MET A 220 -3.12 24.86 -30.52
N GLU A 221 -3.63 25.40 -29.40
CA GLU A 221 -2.92 26.45 -28.66
C GLU A 221 -1.88 25.81 -27.73
N GLU A 222 -0.67 26.39 -27.75
CA GLU A 222 0.37 26.10 -26.75
C GLU A 222 0.00 26.64 -25.33
N ILE A 223 0.16 25.77 -24.35
CA ILE A 223 -0.09 26.10 -22.92
C ILE A 223 0.84 27.22 -22.45
N ARG A 224 0.31 28.11 -21.63
CA ARG A 224 1.05 29.21 -21.04
C ARG A 224 0.73 29.20 -19.58
N PHE A 225 1.59 29.84 -18.81
CA PHE A 225 1.45 29.88 -17.38
C PHE A 225 1.67 31.26 -16.86
N PRO A 226 0.99 31.61 -15.75
CA PRO A 226 1.35 32.78 -15.00
C PRO A 226 2.81 32.72 -14.53
N ARG A 227 3.46 33.87 -14.55
CA ARG A 227 4.90 33.96 -14.43
C ARG A 227 5.36 33.82 -12.98
N THR A 228 4.40 33.78 -12.06
CA THR A 228 4.67 33.38 -10.69
C THR A 228 4.62 31.89 -10.39
N LEU A 229 4.14 31.05 -11.29
CA LEU A 229 4.15 29.62 -10.99
C LEU A 229 5.58 29.12 -10.83
N GLY A 230 5.84 28.32 -9.81
CA GLY A 230 7.16 27.75 -9.59
C GLY A 230 7.54 26.78 -10.69
N PRO A 231 8.84 26.53 -10.86
CA PRO A 231 9.28 25.70 -11.99
C PRO A 231 8.87 24.22 -11.85
N GLU A 232 8.77 23.68 -10.63
CA GLU A 232 8.31 22.29 -10.46
C GLU A 232 6.79 22.12 -10.77
N ALA A 233 5.95 23.08 -10.33
CA ALA A 233 4.54 23.18 -10.79
C ALA A 233 4.38 23.25 -12.31
N LYS A 234 5.19 24.07 -12.99
CA LYS A 234 5.10 24.30 -14.44
C LYS A 234 5.38 23.02 -15.18
N SER A 235 6.45 22.35 -14.75
CA SER A 235 6.94 21.14 -15.35
C SER A 235 5.93 20.04 -15.18
N LEU A 236 5.42 19.87 -13.96
CA LEU A 236 4.29 18.94 -13.76
C LEU A 236 3.13 19.29 -14.74
N LEU A 237 2.67 20.53 -14.74
CA LEU A 237 1.54 20.91 -15.62
C LEU A 237 1.89 20.70 -17.10
N SER A 238 3.13 20.98 -17.50
CA SER A 238 3.59 20.79 -18.92
C SER A 238 3.50 19.36 -19.37
N GLY A 239 3.97 18.47 -18.50
CA GLY A 239 3.95 17.01 -18.71
C GLY A 239 2.53 16.50 -18.78
N LEU A 240 1.68 16.91 -17.86
CA LEU A 240 0.27 16.44 -17.82
C LEU A 240 -0.51 16.97 -19.02
N LEU A 241 -0.19 18.17 -19.48
CA LEU A 241 -0.95 18.83 -20.57
C LEU A 241 -0.28 18.68 -21.95
N LYS A 242 0.55 17.65 -22.13
CA LYS A 242 1.10 17.32 -23.47
C LYS A 242 -0.10 16.86 -24.31
N LYS A 243 -0.25 17.38 -25.50
CA LYS A 243 -1.39 17.04 -26.39
C LYS A 243 -1.29 15.58 -26.87
N ASP A 244 -0.07 15.11 -27.09
CA ASP A 244 0.18 13.73 -27.55
C ASP A 244 0.18 12.81 -26.32
N PRO A 245 -0.82 11.93 -26.15
CA PRO A 245 -0.82 11.03 -24.99
C PRO A 245 0.50 10.16 -24.78
N LYS A 246 1.20 9.77 -25.85
CA LYS A 246 2.54 9.05 -25.75
C LYS A 246 3.59 9.92 -25.02
N GLN A 247 3.54 11.22 -25.26
CA GLN A 247 4.49 12.13 -24.60
C GLN A 247 3.97 12.58 -23.23
N ARG A 248 2.73 12.25 -22.86
CA ARG A 248 2.19 12.75 -21.57
C ARG A 248 2.77 12.03 -20.36
N LEU A 249 2.99 12.79 -19.30
CA LEU A 249 3.40 12.25 -18.06
C LEU A 249 2.25 11.32 -17.64
N GLY A 250 2.61 10.07 -17.37
CA GLY A 250 1.69 9.01 -17.08
C GLY A 250 1.17 8.23 -18.29
N GLY A 251 1.67 8.51 -19.47
CA GLY A 251 1.24 7.95 -20.71
C GLY A 251 1.85 6.65 -21.20
N GLY A 252 2.86 6.19 -20.46
CA GLY A 252 3.57 4.95 -20.74
C GLY A 252 2.99 3.79 -19.97
N SER A 253 3.75 2.71 -19.86
CA SER A 253 3.30 1.51 -19.17
C SER A 253 3.33 1.72 -17.68
N GLU A 254 4.11 2.68 -17.23
CA GLU A 254 4.15 2.93 -15.81
C GLU A 254 3.01 3.79 -15.31
N ASP A 255 2.26 4.44 -16.20
CA ASP A 255 1.01 5.12 -15.79
C ASP A 255 1.22 6.08 -14.60
N ALA A 256 0.44 6.00 -13.52
CA ALA A 256 0.57 6.89 -12.34
C ALA A 256 1.94 6.96 -11.80
N LYS A 257 2.64 5.82 -11.76
CA LYS A 257 4.00 5.79 -11.22
C LYS A 257 4.95 6.83 -11.79
N GLU A 258 4.75 7.21 -13.05
CA GLU A 258 5.59 8.24 -13.64
C GLU A 258 5.30 9.64 -13.03
N ILE A 259 4.02 9.91 -12.80
CA ILE A 259 3.60 11.09 -12.10
C ILE A 259 4.03 11.07 -10.67
N MET A 260 3.95 9.92 -10.03
CA MET A 260 4.32 9.83 -8.61
C MET A 260 5.79 10.16 -8.33
N GLN A 261 6.66 9.86 -9.32
CA GLN A 261 8.11 10.15 -9.28
C GLN A 261 8.48 11.59 -9.56
N HIS A 262 7.54 12.39 -10.06
CA HIS A 262 7.85 13.76 -10.56
C HIS A 262 8.31 14.63 -9.43
N ARG A 263 9.28 15.50 -9.64
CA ARG A 263 9.87 16.28 -8.52
C ARG A 263 8.90 17.24 -7.78
N PHE A 264 7.88 17.74 -8.45
CA PHE A 264 6.74 18.35 -7.76
C PHE A 264 6.23 17.57 -6.57
N PHE A 265 6.27 16.23 -6.59
CA PHE A 265 5.79 15.44 -5.41
C PHE A 265 6.92 14.91 -4.53
N ALA A 266 8.11 15.46 -4.68
CA ALA A 266 9.28 14.84 -4.04
C ALA A 266 9.07 14.83 -2.53
N GLY A 267 9.44 13.76 -1.86
CA GLY A 267 9.24 13.72 -0.40
C GLY A 267 7.82 13.39 0.04
N ILE A 268 6.82 13.40 -0.85
CA ILE A 268 5.54 12.78 -0.55
C ILE A 268 5.78 11.28 -0.50
N VAL A 269 5.42 10.67 0.61
CA VAL A 269 5.40 9.23 0.71
C VAL A 269 4.00 8.72 0.35
N TRP A 270 3.87 7.97 -0.75
CA TRP A 270 2.59 7.53 -1.28
C TRP A 270 1.73 6.71 -0.39
N GLN A 271 2.33 5.82 0.40
CA GLN A 271 1.59 5.03 1.38
C GLN A 271 0.99 5.93 2.47
N HIS A 272 1.73 6.95 2.92
CA HIS A 272 1.21 7.90 3.92
C HIS A 272 0.06 8.69 3.34
N VAL A 273 0.18 9.07 2.05
CA VAL A 273 -0.95 9.64 1.34
C VAL A 273 -2.14 8.69 1.48
N TYR A 274 -1.95 7.43 1.15
CA TYR A 274 -3.05 6.47 1.23
C TYR A 274 -3.65 6.33 2.64
N GLU A 275 -2.83 6.49 3.69
CA GLU A 275 -3.30 6.34 5.11
C GLU A 275 -3.83 7.66 5.72
N LYS A 276 -3.95 8.69 4.87
CA LYS A 276 -4.53 9.97 5.23
C LYS A 276 -3.73 10.70 6.28
N LYS A 277 -2.42 10.49 6.27
CA LYS A 277 -1.52 11.10 7.24
C LYS A 277 -1.04 12.51 6.83
N LEU A 278 -1.13 12.87 5.55
CA LEU A 278 -0.95 14.28 5.10
C LEU A 278 -1.94 15.26 5.79
N SER A 279 -1.46 16.44 6.15
CA SER A 279 -2.30 17.41 6.90
C SER A 279 -3.14 18.19 5.93
N PRO A 280 -4.47 17.99 5.96
CA PRO A 280 -5.19 18.71 4.93
C PRO A 280 -5.08 20.18 5.28
N PRO A 281 -4.68 21.01 4.34
CA PRO A 281 -4.40 22.41 4.58
C PRO A 281 -5.66 23.32 4.59
N PHE A 282 -6.82 22.78 4.26
CA PHE A 282 -8.05 23.47 4.53
C PHE A 282 -9.03 22.52 5.20
N LYS A 283 -9.42 22.79 6.46
CA LYS A 283 -10.41 21.94 7.15
C LYS A 283 -11.79 22.58 6.96
N PRO A 284 -12.80 21.84 6.46
CA PRO A 284 -14.07 22.55 6.30
C PRO A 284 -14.65 22.93 7.68
N GLN A 285 -15.24 24.13 7.75
CA GLN A 285 -15.71 24.72 9.00
C GLN A 285 -17.18 24.39 9.19
N VAL A 286 -17.45 23.11 9.25
CA VAL A 286 -18.82 22.64 9.36
C VAL A 286 -19.05 22.43 10.84
N THR A 287 -20.12 23.04 11.35
CA THR A 287 -20.49 22.92 12.76
C THR A 287 -21.00 21.51 13.07
N SER A 288 -21.57 20.84 12.08
CA SER A 288 -22.33 19.64 12.29
C SER A 288 -22.56 18.96 10.95
N GLU A 289 -23.27 17.84 10.98
CA GLU A 289 -23.43 17.01 9.82
C GLU A 289 -24.49 17.61 8.91
N THR A 290 -25.46 18.35 9.46
CA THR A 290 -26.44 19.07 8.60
C THR A 290 -26.02 20.49 8.17
N ASP A 291 -24.82 20.94 8.50
CA ASP A 291 -24.34 22.22 8.01
C ASP A 291 -23.92 22.10 6.52
N THR A 292 -24.75 22.64 5.63
CA THR A 292 -24.56 22.62 4.18
C THR A 292 -24.09 23.93 3.55
N ARG A 293 -23.32 24.73 4.30
CA ARG A 293 -22.80 26.04 3.82
C ARG A 293 -21.93 26.00 2.55
N TYR A 294 -21.26 24.87 2.33
CA TYR A 294 -20.37 24.68 1.21
C TYR A 294 -21.14 24.14 0.02
N PHE A 295 -22.45 23.96 0.16
CA PHE A 295 -23.36 23.58 -0.93
C PHE A 295 -24.20 24.76 -1.42
N ASP A 296 -24.80 24.60 -2.59
CA ASP A 296 -25.37 25.70 -3.34
C ASP A 296 -26.67 26.11 -2.64
N GLU A 297 -26.79 27.38 -2.28
CA GLU A 297 -27.98 27.83 -1.53
C GLU A 297 -29.27 27.73 -2.37
N GLU A 298 -29.11 27.72 -3.69
CA GLU A 298 -30.16 27.35 -4.66
C GLU A 298 -30.95 26.16 -4.16
N PHE A 299 -30.22 25.08 -3.86
CA PHE A 299 -30.82 23.77 -3.52
C PHE A 299 -31.05 23.56 -2.03
N THR A 300 -30.09 24.01 -1.23
CA THR A 300 -30.15 23.98 0.24
C THR A 300 -31.46 24.57 0.84
N ALA A 301 -31.90 25.72 0.33
CA ALA A 301 -33.10 26.43 0.86
C ALA A 301 -34.46 25.72 0.65
N GLN A 302 -34.48 24.74 -0.25
CA GLN A 302 -35.71 24.03 -0.57
C GLN A 302 -35.98 22.96 0.49
N MET A 303 -37.25 22.84 0.84
CA MET A 303 -37.72 21.91 1.85
C MET A 303 -38.73 21.06 1.13
N ILE A 304 -38.34 19.84 0.79
CA ILE A 304 -39.23 18.91 0.06
C ILE A 304 -39.06 17.51 0.67
N THR A 305 -40.20 16.81 0.77
CA THR A 305 -40.28 15.37 1.04
C THR A 305 -41.25 14.74 0.01
N ILE A 306 -40.89 13.54 -0.49
CA ILE A 306 -41.78 12.73 -1.38
C ILE A 306 -41.89 11.22 -0.96
N THR A 307 -40.90 10.67 -0.24
CA THR A 307 -40.89 9.25 0.25
C THR A 307 -41.66 8.24 -0.66
N SER A 320 -42.14 -3.72 -17.33
CA SER A 320 -42.78 -2.75 -18.22
C SER A 320 -41.75 -1.68 -18.57
N GLU A 321 -41.49 -1.49 -19.86
CA GLU A 321 -40.29 -0.79 -20.35
C GLU A 321 -40.11 0.65 -19.88
N ARG A 322 -41.19 1.37 -19.60
CA ARG A 322 -41.10 2.72 -19.02
C ARG A 322 -40.63 2.73 -17.53
N ARG A 323 -41.03 1.71 -16.75
CA ARG A 323 -40.65 1.56 -15.33
C ARG A 323 -40.20 0.11 -15.05
N PRO A 324 -39.07 -0.32 -15.64
CA PRO A 324 -38.67 -1.73 -15.53
C PRO A 324 -38.25 -2.14 -14.14
N HIS A 325 -37.81 -3.39 -14.03
CA HIS A 325 -37.15 -3.87 -12.83
C HIS A 325 -35.69 -4.17 -13.21
N PHE A 326 -34.76 -3.67 -12.41
CA PHE A 326 -33.34 -3.83 -12.72
C PHE A 326 -32.88 -5.06 -12.02
N PRO A 327 -32.60 -6.13 -12.77
CA PRO A 327 -32.18 -7.33 -12.03
C PRO A 327 -30.89 -7.08 -11.28
N GLN A 328 -30.74 -7.74 -10.15
CA GLN A 328 -29.56 -7.63 -9.31
C GLN A 328 -28.95 -6.20 -9.14
N PHE A 329 -29.80 -5.16 -9.18
CA PHE A 329 -29.40 -3.80 -8.83
C PHE A 329 -28.96 -3.64 -7.34
N SEP A 330 -29.73 -4.24 -6.43
CA SEP A 330 -29.60 -4.00 -4.99
CB SEP A 330 -30.72 -4.74 -4.22
OG SEP A 330 -32.02 -4.21 -4.53
C SEP A 330 -28.25 -4.43 -4.51
O SEP A 330 -27.61 -5.32 -5.09
P SEP A 330 -33.09 -5.12 -5.35
O1P SEP A 330 -33.37 -6.26 -4.39
O2P SEP A 330 -32.45 -5.66 -6.62
O3P SEP A 330 -34.20 -4.13 -5.53
N TYR A 331 -27.81 -3.83 -3.42
CA TYR A 331 -26.48 -4.12 -2.86
C TYR A 331 -26.34 -3.54 -1.49
N SER A 332 -25.53 -4.18 -0.66
CA SER A 332 -25.23 -3.68 0.71
C SER A 332 -23.74 -3.83 0.94
N ALA A 333 -23.13 -2.83 1.53
CA ALA A 333 -21.71 -2.89 1.81
C ALA A 333 -21.37 -3.54 3.15
N SEP A 334 -20.08 -3.62 3.41
CA SEP A 334 -19.45 -4.18 4.61
CB SEP A 334 -20.38 -4.38 5.81
OG SEP A 334 -19.98 -3.51 6.86
C SEP A 334 -18.69 -5.43 4.23
O SEP A 334 -18.09 -6.09 5.10
P SEP A 334 -20.98 -3.12 8.06
O1P SEP A 334 -22.27 -3.75 7.63
O2P SEP A 334 -20.35 -3.71 9.28
O3P SEP A 334 -21.04 -1.62 8.12
N GLY A 335 -18.69 -5.76 2.96
CA GLY A 335 -18.00 -6.93 2.44
C GLY A 335 -17.22 -6.58 1.18
N ARG B 1 -0.77 -34.90 23.02
CA ARG B 1 -1.41 -33.86 22.22
C ARG B 1 -1.43 -32.58 23.04
N VAL B 2 -1.30 -31.47 22.37
CA VAL B 2 -1.29 -30.17 23.01
C VAL B 2 -2.35 -29.35 22.31
N THR B 3 -3.05 -28.54 23.09
CA THR B 3 -4.11 -27.68 22.56
C THR B 3 -4.08 -26.28 23.17
N MET B 4 -4.93 -25.41 22.61
CA MET B 4 -4.97 -23.98 22.95
C MET B 4 -5.29 -23.67 24.41
N ASN B 5 -5.99 -24.59 25.05
CA ASN B 5 -6.39 -24.47 26.45
C ASN B 5 -5.24 -24.56 27.45
N GLU B 6 -4.09 -25.14 27.06
CA GLU B 6 -2.90 -25.18 27.94
C GLU B 6 -2.21 -23.82 28.10
N PHE B 7 -2.67 -22.79 27.39
CA PHE B 7 -2.03 -21.48 27.40
C PHE B 7 -3.05 -20.40 27.65
N GLU B 8 -2.65 -19.33 28.35
CA GLU B 8 -3.40 -18.04 28.38
C GLU B 8 -2.85 -17.13 27.28
N TYR B 9 -3.70 -16.18 26.88
CA TYR B 9 -3.49 -15.30 25.75
C TYR B 9 -3.48 -13.88 26.28
N LEU B 10 -2.27 -13.35 26.49
CA LEU B 10 -2.05 -12.14 27.26
C LEU B 10 -1.98 -10.86 26.45
N LYS B 11 -1.15 -10.86 25.41
CA LYS B 11 -0.96 -9.68 24.56
C LYS B 11 -0.72 -10.09 23.13
N LEU B 12 -1.20 -9.24 22.19
CA LEU B 12 -0.91 -9.38 20.76
C LEU B 12 0.41 -8.69 20.35
N LEU B 13 1.44 -9.48 20.05
CA LEU B 13 2.76 -8.99 19.68
C LEU B 13 2.85 -8.48 18.24
N GLY B 14 2.11 -9.11 17.34
CA GLY B 14 1.98 -8.56 16.00
C GLY B 14 1.01 -9.33 15.15
N LYS B 15 0.59 -8.72 14.05
CA LYS B 15 -0.36 -9.29 13.12
C LYS B 15 0.15 -9.05 11.69
N GLY B 16 0.64 -10.11 11.06
CA GLY B 16 0.92 -10.10 9.60
C GLY B 16 -0.36 -10.19 8.77
N THR B 17 -0.21 -10.64 7.52
CA THR B 17 -1.34 -10.79 6.58
C THR B 17 -2.03 -12.17 6.67
N PHE B 18 -1.33 -13.18 7.20
CA PHE B 18 -1.83 -14.57 7.19
C PHE B 18 -2.07 -15.15 8.58
N GLY B 19 -2.11 -14.28 9.59
CA GLY B 19 -2.34 -14.71 10.96
C GLY B 19 -1.73 -13.74 11.93
N LYS B 20 -1.56 -14.17 13.16
CA LYS B 20 -1.14 -13.29 14.23
C LYS B 20 -0.19 -13.99 15.19
N VAL B 21 0.63 -13.22 15.89
CA VAL B 21 1.49 -13.77 16.94
C VAL B 21 1.08 -13.22 18.32
N ILE B 22 1.07 -14.12 19.31
CA ILE B 22 0.59 -13.78 20.63
C ILE B 22 1.55 -14.21 21.71
N LEU B 23 1.78 -13.30 22.66
CA LEU B 23 2.46 -13.65 23.88
C LEU B 23 1.55 -14.57 24.71
N VAL B 24 2.04 -15.74 25.05
CA VAL B 24 1.26 -16.70 25.82
C VAL B 24 2.03 -17.19 27.03
N LYS B 25 1.27 -17.67 28.03
CA LYS B 25 1.86 -18.27 29.22
C LYS B 25 1.36 -19.68 29.28
N GLU B 26 2.25 -20.66 29.27
CA GLU B 26 1.81 -22.06 29.46
C GLU B 26 1.23 -22.22 30.90
N LYS B 27 -0.06 -22.58 30.98
CA LYS B 27 -0.79 -22.68 32.26
C LYS B 27 -0.04 -23.50 33.29
N ALA B 28 0.36 -24.70 32.90
CA ALA B 28 0.96 -25.68 33.78
C ALA B 28 2.46 -25.51 34.10
N THR B 29 3.12 -24.52 33.51
CA THR B 29 4.55 -24.24 33.85
C THR B 29 4.84 -22.81 34.27
N GLY B 30 3.93 -21.90 33.94
CA GLY B 30 4.20 -20.48 33.97
C GLY B 30 5.24 -19.94 32.98
N ARG B 31 5.65 -20.77 32.00
CA ARG B 31 6.69 -20.40 31.01
C ARG B 31 6.04 -19.64 29.86
N TYR B 32 6.52 -18.44 29.56
CA TYR B 32 5.99 -17.58 28.50
C TYR B 32 6.52 -17.97 27.09
N TYR B 33 5.76 -17.68 26.03
CA TYR B 33 6.10 -18.06 24.63
C TYR B 33 5.40 -17.16 23.62
N ALA B 34 5.91 -17.17 22.39
CA ALA B 34 5.27 -16.49 21.27
C ALA B 34 4.60 -17.58 20.46
N MET B 35 3.28 -17.48 20.33
CA MET B 35 2.52 -18.49 19.58
C MET B 35 2.06 -17.79 18.36
N LYS B 36 2.45 -18.32 17.19
CA LYS B 36 1.91 -17.84 15.93
C LYS B 36 0.68 -18.66 15.67
N ILE B 37 -0.42 -17.98 15.31
CA ILE B 37 -1.70 -18.62 15.03
C ILE B 37 -2.15 -18.22 13.63
N LEU B 38 -2.47 -19.25 12.84
CA LEU B 38 -2.90 -19.11 11.45
C LEU B 38 -4.24 -19.82 11.29
N LYS B 39 -5.23 -19.18 10.69
CA LYS B 39 -6.44 -19.95 10.26
C LYS B 39 -6.12 -20.73 8.98
N LYS B 40 -6.40 -22.04 8.96
CA LYS B 40 -6.22 -22.87 7.75
C LYS B 40 -6.89 -22.26 6.51
N GLU B 41 -8.10 -21.73 6.72
CA GLU B 41 -8.94 -21.09 5.70
C GLU B 41 -8.20 -19.97 4.93
N VAL B 42 -7.52 -19.10 5.66
CA VAL B 42 -6.70 -18.05 5.06
C VAL B 42 -5.54 -18.70 4.29
N ILE B 43 -4.91 -19.70 4.90
CA ILE B 43 -3.69 -20.34 4.35
C ILE B 43 -3.93 -21.09 3.05
N VAL B 44 -5.08 -21.74 2.96
CA VAL B 44 -5.49 -22.42 1.72
C VAL B 44 -5.88 -21.44 0.62
N ALA B 45 -6.64 -20.41 0.98
CA ALA B 45 -7.13 -19.40 0.00
C ALA B 45 -5.95 -18.57 -0.59
N LYS B 46 -5.07 -18.09 0.30
CA LYS B 46 -3.92 -17.28 -0.10
C LYS B 46 -2.75 -18.08 -0.68
N ASP B 47 -2.92 -19.39 -0.86
CA ASP B 47 -1.87 -20.24 -1.36
C ASP B 47 -0.55 -20.17 -0.55
N GLU B 48 -0.68 -20.30 0.77
CA GLU B 48 0.41 -20.06 1.70
C GLU B 48 0.74 -21.33 2.53
N VAL B 49 0.33 -22.50 2.02
CA VAL B 49 0.43 -23.77 2.75
C VAL B 49 1.85 -24.34 2.72
N ALA B 50 2.40 -24.38 1.51
CA ALA B 50 3.80 -24.79 1.28
C ALA B 50 4.83 -24.06 2.19
N HIS B 51 4.68 -22.72 2.27
CA HIS B 51 5.44 -21.88 3.19
C HIS B 51 5.33 -22.34 4.62
N THR B 52 4.08 -22.51 5.06
CA THR B 52 3.79 -22.87 6.46
C THR B 52 4.42 -24.21 6.79
N LEU B 53 4.33 -25.16 5.84
CA LEU B 53 4.90 -26.48 6.02
C LEU B 53 6.40 -26.43 5.97
N THR B 54 6.92 -25.56 5.11
CA THR B 54 8.35 -25.27 5.11
C THR B 54 8.75 -24.72 6.45
N GLU B 55 8.03 -23.70 6.92
CA GLU B 55 8.40 -23.13 8.19
C GLU B 55 8.54 -24.26 9.26
N ASN B 56 7.53 -25.11 9.37
CA ASN B 56 7.45 -26.14 10.38
C ASN B 56 8.64 -27.08 10.25
N ARG B 57 8.88 -27.57 9.03
CA ARG B 57 9.95 -28.56 8.81
C ARG B 57 11.30 -27.98 9.20
N VAL B 58 11.55 -26.75 8.78
CA VAL B 58 12.83 -26.11 9.06
C VAL B 58 13.02 -25.90 10.56
N LEU B 59 11.94 -25.49 11.22
CA LEU B 59 11.91 -25.34 12.67
C LEU B 59 12.14 -26.68 13.40
N GLN B 60 11.43 -27.70 12.99
CA GLN B 60 11.69 -29.02 13.55
C GLN B 60 13.11 -29.51 13.30
N ASN B 61 13.71 -29.17 12.16
CA ASN B 61 15.01 -29.71 11.80
C ASN B 61 16.16 -28.71 12.17
N SER B 62 15.94 -27.76 13.09
CA SER B 62 17.00 -26.77 13.43
C SER B 62 17.18 -26.64 14.90
N ARG B 63 18.44 -26.59 15.35
CA ARG B 63 18.75 -26.17 16.70
C ARG B 63 20.01 -25.34 16.70
N HIS B 64 19.90 -24.08 17.08
CA HIS B 64 21.06 -23.17 17.10
C HIS B 64 20.72 -22.03 18.03
N PRO B 65 21.69 -21.54 18.83
CA PRO B 65 21.43 -20.45 19.81
C PRO B 65 20.82 -19.18 19.22
N PHE B 66 21.01 -18.93 17.94
CA PHE B 66 20.61 -17.66 17.31
C PHE B 66 19.56 -17.86 16.22
N LEU B 67 18.84 -18.98 16.31
CA LEU B 67 17.66 -19.24 15.53
C LEU B 67 16.61 -19.49 16.58
N THR B 68 15.47 -18.79 16.48
CA THR B 68 14.25 -19.06 17.21
C THR B 68 13.95 -20.53 17.16
N ALA B 69 13.73 -21.14 18.32
CA ALA B 69 13.44 -22.58 18.43
C ALA B 69 11.96 -22.84 18.66
N LEU B 70 11.44 -23.87 18.01
CA LEU B 70 10.07 -24.33 18.21
C LEU B 70 9.93 -25.19 19.48
N LYS B 71 8.94 -24.90 20.30
CA LYS B 71 8.64 -25.75 21.46
C LYS B 71 7.47 -26.71 21.11
N TYR B 72 6.38 -26.21 20.54
CA TYR B 72 5.26 -27.07 20.15
C TYR B 72 4.72 -26.64 18.81
N SER B 73 4.36 -27.60 17.96
CA SER B 73 3.48 -27.40 16.80
C SER B 73 2.25 -28.24 16.99
N PHE B 74 1.09 -27.72 16.67
CA PHE B 74 -0.11 -28.49 16.78
C PHE B 74 -1.18 -27.83 15.97
N GLN B 75 -2.27 -28.58 15.78
CA GLN B 75 -3.36 -28.11 14.94
C GLN B 75 -4.71 -28.42 15.54
N THR B 76 -5.66 -27.55 15.24
CA THR B 76 -7.05 -27.74 15.58
C THR B 76 -7.85 -27.91 14.29
N HIS B 77 -9.16 -28.04 14.48
CA HIS B 77 -10.18 -27.88 13.43
C HIS B 77 -9.88 -26.73 12.44
N ASP B 78 -9.68 -25.54 12.98
CA ASP B 78 -9.58 -24.29 12.20
C ASP B 78 -8.15 -23.77 12.02
N ARG B 79 -7.24 -24.19 12.89
CA ARG B 79 -5.98 -23.46 13.05
C ARG B 79 -4.76 -24.37 13.07
N LEU B 80 -3.67 -23.80 12.57
CA LEU B 80 -2.31 -24.28 12.82
C LEU B 80 -1.58 -23.34 13.80
N CYS B 81 -0.92 -23.89 14.81
CA CYS B 81 -0.25 -23.13 15.85
C CYS B 81 1.22 -23.58 16.02
N PHE B 82 2.12 -22.60 16.07
CA PHE B 82 3.51 -22.80 16.40
C PHE B 82 3.79 -22.10 17.74
N VAL B 83 4.48 -22.75 18.66
CA VAL B 83 4.75 -22.15 19.98
C VAL B 83 6.24 -22.06 20.08
N MET B 84 6.76 -20.84 19.93
CA MET B 84 8.20 -20.62 19.76
C MET B 84 8.75 -19.89 20.99
N GLU B 85 10.06 -20.02 21.21
CA GLU B 85 10.80 -19.13 22.11
C GLU B 85 10.42 -17.68 21.82
N TYR B 86 10.19 -16.93 22.91
CA TYR B 86 9.65 -15.61 22.89
C TYR B 86 10.88 -14.75 22.92
N ALA B 87 10.95 -13.83 21.95
CA ALA B 87 12.06 -12.86 21.87
C ALA B 87 11.61 -11.53 22.49
N ASN B 88 11.85 -11.36 23.80
CA ASN B 88 11.46 -10.19 24.63
C ASN B 88 11.96 -8.86 24.06
N GLY B 89 13.16 -8.84 23.49
CA GLY B 89 13.79 -7.63 22.96
C GLY B 89 13.16 -7.07 21.71
N GLY B 90 12.29 -7.80 21.00
CA GLY B 90 11.69 -7.20 19.78
C GLY B 90 12.63 -7.31 18.62
N GLU B 91 12.27 -6.64 17.53
CA GLU B 91 13.03 -6.65 16.27
C GLU B 91 14.13 -5.60 16.27
N LEU B 92 15.24 -5.84 15.58
CA LEU B 92 16.24 -4.80 15.38
C LEU B 92 15.66 -3.72 14.50
N PHE B 93 14.69 -4.04 13.65
CA PHE B 93 14.00 -2.96 12.91
C PHE B 93 13.47 -1.91 13.88
N PHE B 94 12.84 -2.36 14.97
CA PHE B 94 12.34 -1.44 15.98
C PHE B 94 13.49 -0.62 16.58
N HIS B 95 14.55 -1.28 17.05
CA HIS B 95 15.63 -0.59 17.69
C HIS B 95 16.34 0.38 16.75
N LEU B 96 16.42 0.09 15.44
CA LEU B 96 17.23 0.92 14.54
C LEU B 96 16.39 2.06 13.98
N SER B 97 15.07 1.86 13.89
CA SER B 97 14.15 2.95 13.59
C SER B 97 14.31 4.07 14.60
N ARG B 98 14.49 3.70 15.85
CA ARG B 98 14.67 4.64 16.94
C ARG B 98 16.05 5.18 17.17
N GLU B 99 17.10 4.51 16.74
CA GLU B 99 18.45 4.98 16.96
C GLU B 99 19.25 5.44 15.75
N ARG B 100 18.66 5.60 14.60
CA ARG B 100 19.42 5.99 13.37
C ARG B 100 20.60 5.07 12.96
N VAL B 101 21.67 4.93 13.76
CA VAL B 101 22.74 3.94 13.50
C VAL B 101 23.19 3.09 14.71
N PHE B 102 23.87 1.98 14.45
CA PHE B 102 24.66 1.32 15.48
C PHE B 102 26.12 1.57 15.32
N SER B 103 26.84 1.48 16.42
CA SER B 103 28.30 1.49 16.36
C SER B 103 28.81 0.29 15.56
N GLU B 104 30.01 0.43 15.04
CA GLU B 104 30.65 -0.67 14.31
C GLU B 104 30.86 -1.86 15.25
N ASP B 105 31.14 -1.63 16.53
CA ASP B 105 31.32 -2.76 17.49
C ASP B 105 30.00 -3.49 17.73
N ARG B 106 28.90 -2.76 17.76
CA ARG B 106 27.55 -3.36 17.97
C ARG B 106 27.16 -4.13 16.72
N ALA B 107 27.32 -3.54 15.55
CA ALA B 107 27.05 -4.21 14.25
C ALA B 107 27.89 -5.49 14.17
N ARG B 108 29.17 -5.44 14.56
CA ARG B 108 30.08 -6.61 14.58
C ARG B 108 29.46 -7.71 15.47
N PHE B 109 28.95 -7.34 16.62
CA PHE B 109 28.35 -8.36 17.51
C PHE B 109 27.19 -9.08 16.82
N TYR B 110 26.21 -8.34 16.35
CA TYR B 110 25.02 -8.93 15.69
C TYR B 110 25.45 -9.71 14.45
N GLY B 111 26.36 -9.16 13.65
CA GLY B 111 26.84 -9.74 12.40
C GLY B 111 27.46 -11.10 12.62
N ALA B 112 28.26 -11.20 13.66
CA ALA B 112 28.93 -12.45 14.06
C ALA B 112 27.87 -13.50 14.41
N GLU B 113 26.85 -13.15 15.18
CA GLU B 113 25.77 -14.12 15.53
C GLU B 113 24.97 -14.60 14.32
N ILE B 114 24.62 -13.64 13.45
CA ILE B 114 23.91 -13.89 12.22
C ILE B 114 24.73 -14.78 11.33
N VAL B 115 25.99 -14.47 11.16
CA VAL B 115 26.92 -15.36 10.42
C VAL B 115 26.97 -16.83 10.95
N SER B 116 27.08 -17.00 12.27
CA SER B 116 27.10 -18.35 12.93
C SER B 116 25.85 -19.14 12.58
N ALA B 117 24.70 -18.50 12.69
CA ALA B 117 23.42 -19.12 12.37
C ALA B 117 23.24 -19.51 10.89
N LEU B 118 23.65 -18.64 9.97
CA LEU B 118 23.48 -18.91 8.54
C LEU B 118 24.47 -19.94 8.07
N ASP B 119 25.68 -19.86 8.62
CA ASP B 119 26.70 -20.86 8.31
C ASP B 119 26.11 -22.23 8.68
N TYR B 120 25.63 -22.35 9.90
CA TYR B 120 24.85 -23.53 10.28
C TYR B 120 23.72 -23.91 9.32
N LEU B 121 22.89 -22.97 8.87
CA LEU B 121 21.76 -23.40 8.00
C LEU B 121 22.33 -23.95 6.68
N HIS B 122 23.35 -23.29 6.16
CA HIS B 122 24.03 -23.70 4.94
C HIS B 122 24.77 -25.05 5.05
N SER B 123 25.68 -25.13 6.00
CA SER B 123 26.66 -26.22 6.06
C SER B 123 26.12 -27.46 6.69
N GLU B 124 25.37 -27.32 7.79
CA GLU B 124 24.80 -28.44 8.54
C GLU B 124 23.45 -28.90 8.03
N LYS B 125 22.60 -27.98 7.54
CA LYS B 125 21.24 -28.32 7.06
C LYS B 125 20.91 -28.11 5.62
N ASN B 126 21.83 -27.63 4.81
CA ASN B 126 21.54 -27.40 3.42
C ASN B 126 20.28 -26.57 3.19
N VAL B 127 20.11 -25.53 4.00
CA VAL B 127 19.03 -24.57 3.91
C VAL B 127 19.58 -23.22 3.53
N VAL B 128 18.89 -22.58 2.59
CA VAL B 128 19.11 -21.19 2.26
C VAL B 128 17.92 -20.40 2.82
N TYR B 129 18.20 -19.32 3.55
CA TYR B 129 17.19 -18.55 4.32
C TYR B 129 16.25 -17.65 3.48
N ARG B 130 16.87 -16.91 2.55
CA ARG B 130 16.26 -16.04 1.55
C ARG B 130 15.56 -14.79 1.99
N ASP B 131 15.24 -14.64 3.26
CA ASP B 131 14.57 -13.40 3.68
C ASP B 131 15.22 -12.64 4.83
N LEU B 132 16.54 -12.49 4.80
CA LEU B 132 17.17 -11.74 5.87
C LEU B 132 16.80 -10.27 5.74
N LYS B 133 16.45 -9.67 6.87
CA LYS B 133 16.05 -8.30 6.99
C LYS B 133 15.90 -7.94 8.46
N LEU B 134 15.90 -6.62 8.71
CA LEU B 134 15.81 -6.13 10.06
C LEU B 134 14.56 -6.66 10.85
N GLU B 135 13.44 -6.80 10.16
CA GLU B 135 12.17 -7.28 10.73
C GLU B 135 12.22 -8.70 11.25
N ASN B 136 13.07 -9.54 10.67
CA ASN B 136 13.22 -10.94 11.07
C ASN B 136 14.42 -11.17 11.93
N LEU B 137 15.10 -10.14 12.39
CA LEU B 137 16.22 -10.29 13.34
C LEU B 137 15.78 -9.80 14.71
N MET B 138 15.50 -10.72 15.59
CA MET B 138 14.99 -10.33 16.89
C MET B 138 16.06 -10.48 17.98
N LEU B 139 15.79 -9.91 19.13
CA LEU B 139 16.69 -9.98 20.29
C LEU B 139 15.99 -10.75 21.40
N ASP B 140 16.74 -11.57 22.12
CA ASP B 140 16.21 -12.27 23.31
C ASP B 140 16.38 -11.34 24.53
N LYS B 141 15.95 -11.78 25.71
CA LYS B 141 16.07 -10.94 26.94
C LYS B 141 17.52 -10.48 27.18
N ASP B 142 18.52 -11.32 26.92
CA ASP B 142 19.94 -10.95 27.11
C ASP B 142 20.45 -10.06 25.97
N GLY B 143 19.74 -9.98 24.85
CA GLY B 143 20.20 -9.12 23.75
C GLY B 143 20.85 -9.89 22.62
N HIS B 144 20.75 -11.21 22.64
CA HIS B 144 21.32 -12.03 21.54
C HIS B 144 20.32 -12.10 20.39
N ILE B 145 20.85 -12.30 19.21
CA ILE B 145 20.11 -12.36 17.99
C ILE B 145 19.35 -13.66 17.97
N LYS B 146 18.08 -13.57 17.57
CA LYS B 146 17.16 -14.70 17.30
C LYS B 146 16.54 -14.48 15.92
N ILE B 147 16.98 -15.21 14.91
CA ILE B 147 16.43 -15.11 13.58
C ILE B 147 15.09 -15.82 13.62
N THR B 148 14.07 -15.18 13.06
CA THR B 148 12.68 -15.63 13.01
C THR B 148 12.14 -15.58 11.58
N ASP B 149 11.08 -16.33 11.31
CA ASP B 149 10.42 -16.43 10.01
C ASP B 149 11.16 -17.43 9.11
N PHE B 150 10.76 -18.68 9.00
CA PHE B 150 11.44 -19.62 8.12
C PHE B 150 10.61 -20.05 6.91
N GLY B 151 9.53 -19.34 6.66
CA GLY B 151 8.59 -19.63 5.57
C GLY B 151 9.12 -19.55 4.15
N LEU B 152 10.12 -18.71 3.90
CA LEU B 152 10.76 -18.62 2.59
C LEU B 152 12.04 -19.46 2.42
N CYS B 153 12.43 -20.23 3.43
CA CYS B 153 13.60 -21.08 3.33
C CYS B 153 13.42 -22.05 2.21
N LYS B 154 14.54 -22.40 1.61
CA LYS B 154 14.65 -23.50 0.71
C LYS B 154 15.49 -24.59 1.36
N GLU B 155 14.91 -25.77 1.49
CA GLU B 155 15.58 -27.04 1.95
C GLU B 155 16.28 -27.75 0.80
N GLY B 156 17.25 -28.61 1.11
CA GLY B 156 17.95 -29.43 0.12
C GLY B 156 18.96 -28.71 -0.79
N ILE B 157 19.53 -27.58 -0.33
CA ILE B 157 20.49 -26.86 -1.17
C ILE B 157 21.88 -27.11 -0.67
N LYS B 158 22.65 -27.75 -1.55
CA LYS B 158 23.97 -28.26 -1.31
C LYS B 158 24.93 -27.67 -2.35
N ASP B 159 26.01 -27.08 -1.82
CA ASP B 159 27.12 -26.53 -2.58
C ASP B 159 26.57 -25.40 -3.47
N GLY B 160 26.81 -25.45 -4.77
CA GLY B 160 26.36 -24.45 -5.72
C GLY B 160 25.06 -24.79 -6.45
N ALA B 161 24.27 -25.69 -5.88
CA ALA B 161 22.91 -26.01 -6.36
C ALA B 161 22.01 -24.73 -6.39
N THR B 162 21.13 -24.63 -7.39
CA THR B 162 20.45 -23.40 -7.70
C THR B 162 19.01 -23.45 -7.34
N MET B 163 18.41 -22.27 -7.30
CA MET B 163 16.98 -22.04 -7.02
C MET B 163 16.51 -21.09 -8.09
N LYS B 164 15.22 -21.10 -8.34
CA LYS B 164 14.63 -20.28 -9.37
C LYS B 164 13.48 -19.39 -8.89
N TPO B 165 12.96 -19.56 -7.68
CA TPO B 165 11.70 -18.93 -7.30
CB TPO B 165 11.09 -19.70 -6.14
CG2 TPO B 165 9.76 -19.05 -5.76
OG1 TPO B 165 10.96 -21.09 -6.45
P TPO B 165 11.93 -22.25 -5.65
O1P TPO B 165 11.00 -23.46 -5.50
O2P TPO B 165 12.10 -21.72 -4.27
O3P TPO B 165 13.28 -22.76 -6.29
C TPO B 165 11.99 -17.50 -6.90
O TPO B 165 12.92 -17.25 -6.12
N PHE B 166 11.18 -16.58 -7.41
CA PHE B 166 11.31 -15.12 -7.16
C PHE B 166 10.59 -14.84 -5.86
N CYS B 167 11.35 -14.61 -4.81
CA CYS B 167 10.83 -14.41 -3.47
C CYS B 167 11.86 -13.68 -2.67
N GLY B 168 11.40 -13.20 -1.51
CA GLY B 168 12.20 -12.34 -0.66
C GLY B 168 11.43 -11.14 -0.19
N THR B 169 12.16 -10.11 0.19
CA THR B 169 11.62 -8.80 0.46
C THR B 169 12.28 -7.80 -0.52
N PRO B 170 11.49 -6.96 -1.22
CA PRO B 170 12.01 -6.22 -2.36
C PRO B 170 13.29 -5.42 -2.13
N GLU B 171 13.37 -4.72 -1.01
CA GLU B 171 14.51 -3.86 -0.71
C GLU B 171 15.77 -4.68 -0.41
N TYR B 172 15.60 -5.95 -0.09
CA TYR B 172 16.70 -6.85 0.24
C TYR B 172 17.09 -7.78 -0.89
N LEU B 173 16.38 -7.75 -2.01
CA LEU B 173 16.63 -8.75 -3.07
C LEU B 173 18.00 -8.54 -3.69
N ALA B 174 18.75 -9.66 -3.79
CA ALA B 174 20.04 -9.75 -4.47
C ALA B 174 19.87 -9.57 -5.95
N PRO B 175 20.88 -8.97 -6.65
CA PRO B 175 20.80 -8.78 -8.07
C PRO B 175 20.50 -10.06 -8.83
N GLU B 176 21.14 -11.18 -8.46
CA GLU B 176 20.91 -12.44 -9.17
C GLU B 176 19.47 -12.95 -8.99
N VAL B 177 18.77 -12.53 -7.96
CA VAL B 177 17.35 -12.88 -7.91
C VAL B 177 16.59 -11.99 -8.87
N LEU B 178 16.92 -10.69 -8.89
CA LEU B 178 16.29 -9.79 -9.88
C LEU B 178 16.63 -10.15 -11.33
N GLU B 179 17.77 -10.81 -11.52
CA GLU B 179 18.20 -11.19 -12.87
C GLU B 179 17.28 -12.26 -13.46
N ASP B 180 16.76 -13.11 -12.58
CA ASP B 180 15.88 -14.22 -12.96
C ASP B 180 16.52 -15.28 -13.87
N ASN B 181 17.75 -15.65 -13.56
CA ASN B 181 18.46 -16.64 -14.30
C ASN B 181 19.16 -17.63 -13.35
N ASP B 182 18.43 -18.02 -12.29
CA ASP B 182 18.89 -18.93 -11.22
C ASP B 182 19.82 -18.25 -10.22
N TYR B 183 19.71 -18.62 -8.95
CA TYR B 183 20.59 -18.08 -7.91
C TYR B 183 20.91 -19.17 -6.91
N GLY B 184 21.92 -18.88 -6.10
CA GLY B 184 22.49 -19.81 -5.10
C GLY B 184 22.43 -19.24 -3.68
N ARG B 185 22.95 -20.00 -2.75
CA ARG B 185 22.99 -19.70 -1.33
C ARG B 185 23.68 -18.39 -0.98
N ALA B 186 24.51 -17.84 -1.86
CA ALA B 186 25.05 -16.52 -1.62
C ALA B 186 24.00 -15.39 -1.59
N VAL B 187 22.75 -15.64 -1.94
CA VAL B 187 21.76 -14.61 -1.67
C VAL B 187 21.78 -14.15 -0.19
N ASP B 188 21.98 -15.11 0.72
CA ASP B 188 22.00 -14.80 2.15
C ASP B 188 23.12 -13.88 2.56
N TRP B 189 24.28 -13.94 1.91
CA TRP B 189 25.36 -12.98 2.21
C TRP B 189 25.11 -11.60 1.64
N TRP B 190 24.33 -11.54 0.57
CA TRP B 190 23.87 -10.24 0.09
C TRP B 190 23.00 -9.61 1.17
N GLY B 191 22.08 -10.38 1.71
CA GLY B 191 21.19 -9.98 2.82
C GLY B 191 21.96 -9.56 4.03
N LEU B 192 22.95 -10.35 4.46
CA LEU B 192 23.87 -9.90 5.53
C LEU B 192 24.47 -8.53 5.26
N GLY B 193 24.97 -8.32 4.06
CA GLY B 193 25.47 -7.01 3.61
C GLY B 193 24.44 -5.90 3.70
N VAL B 194 23.18 -6.20 3.37
CA VAL B 194 22.16 -5.14 3.43
C VAL B 194 21.89 -4.74 4.88
N VAL B 195 21.65 -5.75 5.74
CA VAL B 195 21.38 -5.50 7.18
C VAL B 195 22.54 -4.82 7.90
N MET B 196 23.76 -5.28 7.67
CA MET B 196 24.92 -4.59 8.27
C MET B 196 25.13 -3.21 7.70
N TYR B 197 24.86 -3.02 6.41
CA TYR B 197 24.87 -1.68 5.83
C TYR B 197 23.82 -0.80 6.59
N GLU B 198 22.62 -1.31 6.79
CA GLU B 198 21.59 -0.60 7.57
C GLU B 198 22.03 -0.26 8.97
N MET B 199 22.67 -1.20 9.63
CA MET B 199 23.09 -1.03 10.99
C MET B 199 24.20 0.01 11.07
N MET B 200 25.16 -0.01 10.17
CA MET B 200 26.29 0.92 10.26
C MET B 200 26.10 2.28 9.52
N CYS B 201 25.29 2.31 8.47
CA CYS B 201 25.14 3.54 7.66
C CYS B 201 23.78 4.26 7.85
N GLY B 202 22.88 3.65 8.59
CA GLY B 202 21.62 4.25 8.93
C GLY B 202 20.57 4.30 7.84
N ARG B 203 20.78 3.57 6.76
CA ARG B 203 19.74 3.40 5.75
C ARG B 203 20.13 2.28 4.82
N LEU B 204 19.21 1.96 3.93
CA LEU B 204 19.41 0.91 2.94
C LEU B 204 20.46 1.42 1.99
N PRO B 205 21.19 0.51 1.34
CA PRO B 205 22.09 0.89 0.31
C PRO B 205 21.38 1.34 -0.99
N PHE B 206 20.14 0.88 -1.19
CA PHE B 206 19.39 1.28 -2.40
C PHE B 206 17.97 1.44 -2.02
N TYR B 207 17.37 2.54 -2.39
CA TYR B 207 15.96 2.78 -2.12
C TYR B 207 15.17 3.73 -3.04
N ASN B 208 13.92 3.38 -3.21
CA ASN B 208 12.94 4.15 -3.93
C ASN B 208 11.61 3.62 -3.46
N GLN B 209 10.60 4.47 -3.39
CA GLN B 209 9.26 4.03 -3.01
C GLN B 209 8.70 3.08 -4.04
N ASP B 210 9.12 3.26 -5.27
CA ASP B 210 8.67 2.47 -6.35
C ASP B 210 9.57 1.28 -6.53
N HIS B 211 9.00 0.09 -6.45
CA HIS B 211 9.75 -1.15 -6.61
C HIS B 211 10.45 -1.29 -7.91
N GLU B 212 9.76 -0.96 -8.98
CA GLU B 212 10.33 -0.82 -10.35
CA GLU B 212 10.41 -1.01 -10.27
C GLU B 212 11.68 -0.11 -10.32
N LYS B 213 11.70 1.03 -9.63
CA LYS B 213 12.89 1.92 -9.60
C LYS B 213 13.96 1.51 -8.61
N LEU B 214 13.52 0.96 -7.49
CA LEU B 214 14.34 0.23 -6.51
C LEU B 214 15.17 -0.93 -7.15
N PHE B 215 14.53 -1.73 -8.01
CA PHE B 215 15.20 -2.84 -8.71
C PHE B 215 16.27 -2.45 -9.69
N GLU B 216 16.04 -1.40 -10.47
CA GLU B 216 17.12 -0.89 -11.33
C GLU B 216 18.27 -0.49 -10.50
N LEU B 217 18.01 0.18 -9.37
CA LEU B 217 19.09 0.67 -8.50
C LEU B 217 19.93 -0.54 -7.98
N ILE B 218 19.25 -1.63 -7.61
CA ILE B 218 19.94 -2.85 -7.16
C ILE B 218 20.78 -3.45 -8.31
N LEU B 219 20.24 -3.41 -9.52
CA LEU B 219 20.97 -3.97 -10.65
C LEU B 219 22.12 -3.12 -11.13
N MET B 220 22.01 -1.80 -10.95
CA MET B 220 22.86 -0.87 -11.74
C MET B 220 23.68 0.16 -11.02
N GLU B 221 23.20 0.62 -9.86
CA GLU B 221 23.93 1.61 -9.07
C GLU B 221 25.11 0.96 -8.35
N GLU B 222 26.27 1.53 -8.58
CA GLU B 222 27.41 1.21 -7.78
C GLU B 222 27.17 1.62 -6.32
N ILE B 223 27.50 0.67 -5.47
CA ILE B 223 27.39 0.82 -4.04
C ILE B 223 28.22 2.01 -3.57
N ARG B 224 27.63 2.80 -2.69
CA ARG B 224 28.39 3.86 -2.02
C ARG B 224 28.26 3.83 -0.49
N PHE B 225 29.23 4.45 0.17
CA PHE B 225 29.33 4.37 1.63
C PHE B 225 29.45 5.73 2.28
N PRO B 226 28.75 5.96 3.35
CA PRO B 226 28.91 7.23 4.06
C PRO B 226 30.34 7.29 4.57
N ARG B 227 30.91 8.47 4.66
CA ARG B 227 32.28 8.63 5.03
C ARG B 227 32.66 8.44 6.49
N THR B 228 31.69 8.13 7.32
CA THR B 228 31.93 7.83 8.70
C THR B 228 32.39 6.37 8.84
N LEU B 229 32.27 5.59 7.77
CA LEU B 229 32.50 4.14 7.88
C LEU B 229 33.99 3.84 7.88
N GLY B 230 34.46 3.05 8.87
CA GLY B 230 35.87 2.71 8.91
C GLY B 230 36.23 1.77 7.77
N PRO B 231 37.50 1.63 7.50
CA PRO B 231 37.89 0.86 6.30
C PRO B 231 37.65 -0.69 6.33
N GLU B 232 37.64 -1.26 7.53
CA GLU B 232 37.39 -2.69 7.64
C GLU B 232 35.89 -2.98 7.40
N ALA B 233 35.03 -2.15 7.98
CA ALA B 233 33.60 -2.27 7.74
C ALA B 233 33.26 -2.03 6.24
N LYS B 234 33.85 -1.00 5.64
N LYS B 234 33.84 -0.99 5.65
CA LYS B 234 33.70 -0.73 4.22
CA LYS B 234 33.72 -0.72 4.23
CA LYS B 234 34.10 0.00 4.02
C LYS B 234 34.16 -1.87 3.31
C LYS B 234 34.12 -1.92 3.38
N SER B 235 35.29 -2.51 3.65
CA SER B 235 35.72 -3.66 2.90
C SER B 235 34.72 -4.84 3.02
N LEU B 236 34.21 -5.03 4.24
CA LEU B 236 33.21 -6.03 4.51
C LEU B 236 32.01 -5.76 3.66
N LEU B 237 31.42 -4.58 3.79
CA LEU B 237 30.22 -4.28 3.03
C LEU B 237 30.45 -4.36 1.52
N SER B 238 31.58 -3.88 0.99
CA SER B 238 31.90 -4.00 -0.41
C SER B 238 31.88 -5.41 -0.86
N GLY B 239 32.52 -6.30 -0.11
CA GLY B 239 32.59 -7.72 -0.50
C GLY B 239 31.22 -8.38 -0.41
N LEU B 240 30.46 -8.08 0.63
CA LEU B 240 29.10 -8.65 0.74
C LEU B 240 28.13 -8.14 -0.32
N LEU B 241 28.32 -6.92 -0.77
CA LEU B 241 27.37 -6.25 -1.67
C LEU B 241 27.88 -6.23 -3.13
N LYS B 242 28.82 -7.13 -3.46
CA LYS B 242 29.15 -7.38 -4.89
C LYS B 242 27.93 -7.94 -5.65
N LYS B 243 27.59 -7.36 -6.79
CA LYS B 243 26.37 -7.76 -7.45
C LYS B 243 26.52 -9.15 -8.10
N ASP B 244 27.74 -9.49 -8.52
CA ASP B 244 28.01 -10.80 -9.10
C ASP B 244 28.29 -11.70 -7.91
N PRO B 245 27.41 -12.70 -7.68
CA PRO B 245 27.66 -13.60 -6.53
C PRO B 245 28.97 -14.42 -6.63
N LYS B 246 29.58 -14.55 -7.79
CA LYS B 246 30.86 -15.23 -7.89
C LYS B 246 31.96 -14.37 -7.26
N GLN B 247 31.79 -13.06 -7.30
CA GLN B 247 32.73 -12.16 -6.72
C GLN B 247 32.35 -11.78 -5.30
N ARG B 248 31.16 -12.13 -4.85
CA ARG B 248 30.76 -11.80 -3.49
C ARG B 248 31.47 -12.56 -2.39
N LEU B 249 31.70 -11.83 -1.33
CA LEU B 249 32.28 -12.32 -0.14
C LEU B 249 31.34 -13.41 0.40
N GLY B 250 31.86 -14.62 0.51
CA GLY B 250 31.14 -15.79 0.91
C GLY B 250 30.45 -16.53 -0.24
N GLY B 251 30.72 -16.12 -1.46
CA GLY B 251 30.07 -16.58 -2.69
C GLY B 251 30.63 -17.86 -3.29
N GLY B 252 31.82 -18.27 -2.84
CA GLY B 252 32.40 -19.52 -3.36
C GLY B 252 32.11 -20.82 -2.60
N SER B 253 32.97 -21.81 -2.85
CA SER B 253 32.89 -23.10 -2.12
C SER B 253 33.11 -22.97 -0.62
N GLU B 254 33.88 -21.98 -0.22
CA GLU B 254 34.13 -21.70 1.21
C GLU B 254 32.93 -21.20 1.94
N ASP B 255 31.95 -20.61 1.25
CA ASP B 255 30.73 -20.12 1.93
C ASP B 255 31.06 -19.10 3.10
N ALA B 256 30.48 -19.27 4.30
CA ALA B 256 30.77 -18.41 5.46
C ALA B 256 32.22 -18.34 5.90
N LYS B 257 33.09 -19.27 5.49
CA LYS B 257 34.53 -19.13 5.87
C LYS B 257 35.16 -17.81 5.36
N GLU B 258 34.74 -17.41 4.18
CA GLU B 258 35.26 -16.23 3.55
C GLU B 258 34.95 -15.02 4.42
N ILE B 259 33.76 -15.04 5.03
CA ILE B 259 33.26 -13.97 5.88
C ILE B 259 33.81 -14.05 7.31
N MET B 260 33.75 -15.23 7.94
CA MET B 260 34.41 -15.45 9.25
C MET B 260 35.88 -15.04 9.30
N GLN B 261 36.59 -15.22 8.20
CA GLN B 261 38.01 -14.77 8.08
C GLN B 261 38.28 -13.33 7.60
N HIS B 262 37.27 -12.51 7.35
CA HIS B 262 37.54 -11.12 6.92
C HIS B 262 38.10 -10.31 8.11
N ARG B 263 38.96 -9.33 7.82
CA ARG B 263 39.60 -8.58 8.96
C ARG B 263 38.63 -7.77 9.83
N PHE B 264 37.42 -7.55 9.34
CA PHE B 264 36.39 -6.84 10.16
C PHE B 264 36.05 -7.67 11.40
N PHE B 265 36.15 -9.00 11.28
CA PHE B 265 35.87 -9.95 12.38
C PHE B 265 37.18 -10.44 12.98
N ALA B 266 38.30 -9.72 12.84
CA ALA B 266 39.56 -10.10 13.43
C ALA B 266 39.38 -10.16 14.93
N GLY B 267 39.95 -11.19 15.56
CA GLY B 267 39.79 -11.36 17.01
C GLY B 267 38.51 -12.11 17.39
N ILE B 268 37.52 -12.16 16.50
CA ILE B 268 36.28 -12.93 16.83
C ILE B 268 36.69 -14.40 16.89
N VAL B 269 36.32 -15.08 17.96
CA VAL B 269 36.55 -16.48 18.14
C VAL B 269 35.20 -17.08 17.93
N TRP B 270 35.03 -17.76 16.80
CA TRP B 270 33.71 -18.18 16.37
C TRP B 270 33.02 -19.19 17.23
N GLN B 271 33.80 -20.08 17.82
CA GLN B 271 33.22 -20.98 18.82
C GLN B 271 32.66 -20.20 20.05
N HIS B 272 33.33 -19.15 20.47
CA HIS B 272 32.88 -18.36 21.62
C HIS B 272 31.62 -17.55 21.22
N VAL B 273 31.50 -17.15 19.96
CA VAL B 273 30.23 -16.55 19.49
C VAL B 273 29.11 -17.54 19.66
N TYR B 274 29.32 -18.75 19.15
CA TYR B 274 28.35 -19.85 19.31
C TYR B 274 27.98 -20.11 20.76
N GLU B 275 28.95 -20.09 21.67
CA GLU B 275 28.70 -20.38 23.11
C GLU B 275 28.19 -19.16 23.94
N LYS B 276 28.04 -18.00 23.29
CA LYS B 276 27.52 -16.75 23.94
C LYS B 276 28.46 -16.25 25.03
N LYS B 277 29.75 -16.47 24.89
CA LYS B 277 30.77 -15.94 25.80
C LYS B 277 30.85 -14.44 25.61
N LEU B 278 30.47 -13.97 24.42
CA LEU B 278 30.49 -12.57 24.08
C LEU B 278 29.31 -11.87 24.75
N SER B 279 29.56 -10.87 25.60
CA SER B 279 28.45 -10.21 26.32
C SER B 279 27.81 -9.17 25.41
N PRO B 280 26.47 -9.19 25.28
CA PRO B 280 25.85 -8.23 24.33
C PRO B 280 25.97 -6.74 24.70
N PRO B 281 26.18 -5.90 23.67
CA PRO B 281 26.39 -4.48 23.94
C PRO B 281 25.10 -3.76 24.43
N PHE B 282 23.92 -4.26 24.03
CA PHE B 282 22.65 -3.70 24.43
C PHE B 282 21.79 -4.74 25.13
N LYS B 283 21.41 -4.45 26.38
CA LYS B 283 20.56 -5.39 27.15
C LYS B 283 19.11 -4.89 27.16
N PRO B 284 18.15 -5.61 26.57
CA PRO B 284 16.76 -5.20 26.60
C PRO B 284 16.29 -4.88 28.03
N GLN B 285 15.89 -3.64 28.26
CA GLN B 285 15.47 -3.18 29.60
C GLN B 285 14.00 -3.54 29.79
N VAL B 286 13.71 -4.61 30.51
CA VAL B 286 12.31 -5.07 30.65
C VAL B 286 11.88 -5.32 32.12
N THR B 287 10.70 -4.81 32.50
CA THR B 287 10.18 -4.98 33.87
C THR B 287 9.66 -6.40 34.20
N SER B 288 9.48 -7.26 33.19
CA SER B 288 8.95 -8.62 33.38
C SER B 288 9.03 -9.39 32.04
N GLU B 289 8.40 -10.56 31.97
CA GLU B 289 8.24 -11.22 30.68
C GLU B 289 7.11 -10.58 29.84
N THR B 290 6.13 -9.95 30.50
CA THR B 290 5.04 -9.20 29.84
C THR B 290 5.33 -7.73 29.44
N ASP B 291 6.51 -7.21 29.78
CA ASP B 291 6.93 -5.88 29.29
C ASP B 291 7.18 -5.93 27.75
N THR B 292 6.26 -5.37 26.97
CA THR B 292 6.29 -5.37 25.53
C THR B 292 6.74 -4.05 24.94
N ARG B 293 7.55 -3.29 25.68
CA ARG B 293 8.00 -1.95 25.23
C ARG B 293 8.91 -1.92 23.97
N TYR B 294 9.37 -3.09 23.51
CA TYR B 294 10.07 -3.21 22.25
C TYR B 294 9.20 -3.76 21.10
N PHE B 295 7.87 -3.78 21.28
CA PHE B 295 6.91 -4.14 20.21
C PHE B 295 6.02 -2.92 19.90
N ASP B 296 5.33 -2.93 18.76
CA ASP B 296 4.57 -1.78 18.30
C ASP B 296 3.28 -1.64 19.14
N GLU B 297 3.16 -0.46 19.75
CA GLU B 297 1.92 0.10 20.34
C GLU B 297 0.58 -0.30 19.64
N GLU B 298 0.55 -0.27 18.30
CA GLU B 298 -0.63 -0.70 17.52
C GLU B 298 -1.16 -2.09 17.94
N PHE B 299 -0.27 -3.06 18.08
CA PHE B 299 -0.72 -4.42 18.44
C PHE B 299 -0.83 -4.61 19.94
N THR B 300 0.15 -4.09 20.67
CA THR B 300 0.33 -4.33 22.10
C THR B 300 -0.81 -3.75 22.95
N ALA B 301 -1.43 -2.70 22.44
CA ALA B 301 -2.51 -2.01 23.11
C ALA B 301 -3.88 -2.64 22.89
N GLN B 302 -3.99 -3.53 21.91
CA GLN B 302 -5.27 -4.15 21.64
C GLN B 302 -5.60 -5.13 22.73
N MET B 303 -6.70 -5.85 22.55
CA MET B 303 -7.07 -6.84 23.52
C MET B 303 -7.66 -8.02 22.81
N ILE B 304 -7.72 -9.11 23.54
CA ILE B 304 -8.23 -10.34 23.04
C ILE B 304 -8.62 -11.05 24.31
N THR B 305 -9.33 -12.16 24.20
CA THR B 305 -9.73 -12.89 25.38
C THR B 305 -8.54 -13.66 25.96
N GLU B 321 -10.45 -29.16 0.51
CA GLU B 321 -11.36 -28.36 1.29
C GLU B 321 -10.67 -27.24 2.00
N ARG B 322 -11.49 -26.35 2.55
CA ARG B 322 -11.08 -25.20 3.29
C ARG B 322 -10.33 -25.47 4.60
N ARG B 323 -10.40 -26.68 5.13
CA ARG B 323 -9.73 -26.96 6.38
C ARG B 323 -9.04 -28.30 6.42
N PRO B 324 -8.01 -28.45 5.61
CA PRO B 324 -7.34 -29.76 5.60
C PRO B 324 -6.81 -30.22 6.98
N HIS B 325 -6.63 -31.52 7.15
CA HIS B 325 -5.76 -32.00 8.20
C HIS B 325 -4.36 -32.11 7.61
N PHE B 326 -3.38 -31.51 8.27
CA PHE B 326 -2.03 -31.54 7.73
C PHE B 326 -1.33 -32.68 8.44
N PRO B 327 -1.02 -33.75 7.68
CA PRO B 327 -0.44 -34.93 8.34
C PRO B 327 0.79 -34.57 9.12
N GLN B 328 0.93 -35.19 10.30
CA GLN B 328 2.18 -35.17 11.04
C GLN B 328 2.75 -33.74 11.23
N PHE B 329 1.87 -32.73 11.30
CA PHE B 329 2.23 -31.33 11.58
C PHE B 329 2.76 -31.19 13.00
N SEP B 330 2.03 -31.79 13.94
CA SEP B 330 2.27 -31.56 15.37
CB SEP B 330 1.19 -32.16 16.27
OG SEP B 330 0.61 -33.20 15.50
C SEP B 330 3.60 -32.09 15.80
O SEP B 330 4.09 -33.06 15.22
P SEP B 330 -0.95 -33.37 15.21
O1P SEP B 330 -0.92 -34.75 15.87
O2P SEP B 330 -1.01 -33.32 13.70
O3P SEP B 330 -1.76 -32.20 15.78
N TYR B 331 4.17 -31.43 16.81
CA TYR B 331 5.53 -31.71 17.27
C TYR B 331 5.81 -31.17 18.69
N SER B 332 6.70 -31.83 19.45
CA SER B 332 7.14 -31.35 20.78
C SER B 332 8.62 -30.99 20.95
N ALA B 333 9.49 -31.76 21.58
CA ALA B 333 10.69 -31.09 22.09
C ALA B 333 11.89 -31.94 22.38
N SEP B 334 12.12 -32.29 23.65
CA SEP B 334 13.41 -32.82 24.17
CB SEP B 334 13.54 -34.35 23.98
OG SEP B 334 13.06 -34.83 22.71
C SEP B 334 14.62 -32.07 23.65
O SEP B 334 15.02 -31.11 24.31
P SEP B 334 13.34 -36.36 22.26
O1P SEP B 334 12.79 -37.14 23.45
O2P SEP B 334 14.84 -36.37 22.12
O3P SEP B 334 12.57 -36.64 20.98
N GLY C 1 -14.22 33.20 -11.74
CA GLY C 1 -14.71 31.80 -11.65
C GLY C 1 -15.46 31.49 -12.92
N ARG C 2 -15.01 30.50 -13.64
CA ARG C 2 -15.81 29.94 -14.72
C ARG C 2 -17.23 29.54 -14.29
N PRO C 3 -18.14 29.54 -15.26
CA PRO C 3 -19.43 28.92 -14.98
C PRO C 3 -19.28 27.43 -14.64
N ARG C 4 -20.26 26.88 -13.91
CA ARG C 4 -20.35 25.45 -13.70
C ARG C 4 -20.57 24.71 -15.06
N THR C 5 -20.03 23.50 -15.15
CA THR C 5 -20.07 22.71 -16.39
C THR C 5 -20.94 21.48 -16.22
N THR C 6 -21.23 20.83 -17.34
CA THR C 6 -22.04 19.61 -17.40
C THR C 6 -21.31 18.57 -18.26
N ZXW C 7 -21.43 17.30 -17.92
CA ZXW C 7 -20.85 16.26 -18.74
CB ZXW C 7 -20.48 15.01 -17.95
O2A ZXW C 7 -27.35 14.56 -9.79
PA ZXW C 7 -25.99 14.32 -9.38
O1A ZXW C 7 -25.91 12.90 -9.16
O3A ZXW C 7 -24.85 14.35 -10.48
PB ZXW C 7 -24.88 15.35 -11.71
O1B ZXW C 7 -24.97 16.76 -11.25
O2B ZXW C 7 -23.66 15.16 -12.45
O3B ZXW C 7 -25.90 14.75 -12.71
PG ZXW C 7 -25.82 15.54 -14.04
O1G ZXW C 7 -27.19 15.66 -14.64
O3G ZXW C 7 -25.37 16.93 -13.75
S2G ZXW C 7 -24.44 15.18 -15.45
C32 ZXW C 7 -22.83 14.58 -15.05
C33 ZXW C 7 -22.18 14.42 -16.40
O35 ZXW C 7 -22.73 13.81 -17.29
N34 ZXW C 7 -21.03 14.98 -16.62
O5' ZXW C 7 -25.66 15.13 -8.07
C5' ZXW C 7 -26.23 16.37 -7.72
C4' ZXW C 7 -25.41 17.05 -6.64
O4' ZXW C 7 -25.20 16.29 -5.49
C1' ZXW C 7 -23.95 16.53 -4.95
C2' ZXW C 7 -23.12 17.20 -6.00
O2' ZXW C 7 -22.54 18.38 -5.48
C3' ZXW C 7 -24.06 17.44 -7.15
O3' ZXW C 7 -24.16 18.78 -7.52
N9 ZXW C 7 -23.35 15.26 -4.57
C8 ZXW C 7 -23.21 14.19 -5.32
N7 ZXW C 7 -22.66 13.20 -4.63
C5 ZXW C 7 -22.42 13.64 -3.42
C6 ZXW C 7 -21.86 13.12 -2.17
N6 ZXW C 7 -21.38 11.90 -2.06
N1 ZXW C 7 -21.80 13.94 -1.14
C2 ZXW C 7 -22.27 15.17 -1.19
N3 ZXW C 7 -22.80 15.71 -2.27
C4 ZXW C 7 -22.90 15.00 -3.39
C ZXW C 7 -21.84 15.85 -19.81
O ZXW C 7 -22.91 16.34 -19.85
N PHE C 8 -21.42 14.94 -20.69
CA PHE C 8 -22.25 14.39 -21.78
C PHE C 8 -21.58 13.10 -22.28
N ALA C 9 -22.33 12.31 -23.05
CA ALA C 9 -21.82 11.09 -23.71
C ALA C 9 -22.53 10.87 -25.04
N GLU C 10 -21.76 10.53 -26.09
CA GLU C 10 -22.19 10.23 -27.50
C GLU C 10 -21.08 10.53 -28.56
N GLY D 1 13.32 6.43 10.37
CA GLY D 1 13.96 5.62 9.28
C GLY D 1 13.03 5.13 8.15
N ARG D 2 13.28 3.93 7.65
CA ARG D 2 12.51 3.43 6.51
C ARG D 2 11.19 2.89 7.02
N PRO D 3 10.18 2.81 6.14
CA PRO D 3 8.94 2.05 6.49
C PRO D 3 9.20 0.54 6.68
N ARG D 4 8.36 -0.12 7.47
CA ARG D 4 8.37 -1.58 7.55
C ARG D 4 8.13 -2.13 6.15
N THR D 5 8.59 -3.35 5.93
CA THR D 5 8.44 -4.03 4.66
C THR D 5 7.88 -5.40 4.91
N THR D 6 7.49 -6.07 3.84
CA THR D 6 6.97 -7.42 3.86
C THR D 6 7.56 -8.24 2.74
N ZXW D 7 7.57 -9.54 2.93
CA ZXW D 7 8.05 -10.49 1.93
CB ZXW D 7 8.37 -11.83 2.57
O2A ZXW D 7 2.47 -13.26 10.84
PA ZXW D 7 3.79 -12.96 11.63
O1A ZXW D 7 4.09 -14.15 12.33
O3A ZXW D 7 4.85 -12.83 10.49
PB ZXW D 7 4.90 -11.68 9.43
O1B ZXW D 7 4.69 -10.34 10.02
O2B ZXW D 7 6.31 -11.89 9.05
O3B ZXW D 7 3.75 -11.93 8.45
PG ZXW D 7 3.86 -12.30 6.93
O1G ZXW D 7 2.80 -11.66 6.20
O3G ZXW D 7 3.62 -13.80 7.27
S2G ZXW D 7 5.65 -11.52 6.38
C32 ZXW D 7 6.63 -12.83 5.76
C33 ZXW D 7 6.98 -12.67 4.30
O35 ZXW D 7 6.31 -13.22 3.44
N34 ZXW D 7 7.98 -11.94 3.95
O5' ZXW D 7 3.84 -11.68 12.54
C5' ZXW D 7 5.05 -11.48 13.20
C4' ZXW D 7 4.95 -10.47 14.29
O4' ZXW D 7 5.21 -11.19 15.47
C1' ZXW D 7 6.44 -10.86 16.01
C2' ZXW D 7 7.17 -10.17 14.89
O2' ZXW D 7 8.08 -9.25 15.38
C3' ZXW D 7 6.07 -9.52 14.11
O3' ZXW D 7 5.64 -8.31 14.70
N9 ZXW D 7 7.08 -12.11 16.33
C8 ZXW D 7 7.23 -13.10 15.51
N7 ZXW D 7 7.86 -14.11 16.06
C5 ZXW D 7 8.15 -13.75 17.29
C6 ZXW D 7 8.84 -14.37 18.40
N6 ZXW D 7 9.34 -15.59 18.31
N1 ZXW D 7 8.93 -13.69 19.52
C2 ZXW D 7 8.42 -12.48 19.62
N3 ZXW D 7 7.81 -11.87 18.63
C4 ZXW D 7 7.63 -12.44 17.47
C ZXW D 7 6.98 -10.80 0.93
O ZXW D 7 5.89 -10.42 1.10
N PHE D 8 7.36 -11.51 -0.10
CA PHE D 8 6.47 -11.93 -1.15
C PHE D 8 7.10 -13.18 -1.73
N ALA D 9 6.32 -13.91 -2.49
CA ALA D 9 6.77 -15.07 -3.23
C ALA D 9 5.94 -15.17 -4.49
N GLU D 10 6.61 -15.38 -5.60
CA GLU D 10 5.97 -15.57 -6.92
C GLU D 10 6.20 -17.02 -7.45
S SO4 E . -15.34 34.23 -24.87
O1 SO4 E . -16.64 34.88 -25.18
O2 SO4 E . -15.05 34.10 -23.43
O3 SO4 E . -14.28 35.11 -25.48
O4 SO4 E . -15.44 32.85 -25.38
MN MN F . -22.24 15.18 -10.44
MN MN G . 7.66 -11.64 10.10
#